data_4XO1
# 
_entry.id   4XO1 
# 
_audit_conform.dict_name       mmcif_pdbx.dic 
_audit_conform.dict_version    5.397 
_audit_conform.dict_location   http://mmcif.pdb.org/dictionaries/ascii/mmcif_pdbx.dic 
# 
loop_
_database_2.database_id 
_database_2.database_code 
_database_2.pdbx_database_accession 
_database_2.pdbx_DOI 
PDB   4XO1         pdb_00004xo1 10.2210/pdb4xo1/pdb 
WWPDB D_1000206026 ?            ?                   
# 
loop_
_pdbx_audit_revision_history.ordinal 
_pdbx_audit_revision_history.data_content_type 
_pdbx_audit_revision_history.major_revision 
_pdbx_audit_revision_history.minor_revision 
_pdbx_audit_revision_history.revision_date 
1 'Structure model' 1 0 2015-07-29 
2 'Structure model' 1 1 2024-10-30 
# 
_pdbx_audit_revision_details.ordinal             1 
_pdbx_audit_revision_details.revision_ordinal    1 
_pdbx_audit_revision_details.data_content_type   'Structure model' 
_pdbx_audit_revision_details.provider            repository 
_pdbx_audit_revision_details.type                'Initial release' 
_pdbx_audit_revision_details.description         ? 
_pdbx_audit_revision_details.details             ? 
# 
loop_
_pdbx_audit_revision_group.ordinal 
_pdbx_audit_revision_group.revision_ordinal 
_pdbx_audit_revision_group.data_content_type 
_pdbx_audit_revision_group.group 
1 2 'Structure model' 'Data collection'      
2 2 'Structure model' 'Database references'  
3 2 'Structure model' 'Derived calculations' 
4 2 'Structure model' 'Source and taxonomy'  
5 2 'Structure model' 'Structure summary'    
# 
loop_
_pdbx_audit_revision_category.ordinal 
_pdbx_audit_revision_category.revision_ordinal 
_pdbx_audit_revision_category.data_content_type 
_pdbx_audit_revision_category.category 
1 2 'Structure model' chem_comp_atom            
2 2 'Structure model' chem_comp_bond            
3 2 'Structure model' citation                  
4 2 'Structure model' database_2                
5 2 'Structure model' entity_src_gen            
6 2 'Structure model' pdbx_entry_details        
7 2 'Structure model' pdbx_modification_feature 
8 2 'Structure model' pdbx_struct_oper_list     
# 
loop_
_pdbx_audit_revision_item.ordinal 
_pdbx_audit_revision_item.revision_ordinal 
_pdbx_audit_revision_item.data_content_type 
_pdbx_audit_revision_item.item 
1 2 'Structure model' '_citation.journal_id_CSD'                  
2 2 'Structure model' '_database_2.pdbx_DOI'                      
3 2 'Structure model' '_database_2.pdbx_database_accession'       
4 2 'Structure model' '_entity_src_gen.pdbx_alt_source_flag'      
5 2 'Structure model' '_pdbx_struct_oper_list.symmetry_operation' 
# 
_pdbx_database_status.status_code                     REL 
_pdbx_database_status.status_code_sf                  REL 
_pdbx_database_status.status_code_mr                  ? 
_pdbx_database_status.entry_id                        4XO1 
_pdbx_database_status.recvd_initial_deposition_date   2015-01-16 
_pdbx_database_status.SG_entry                        N 
_pdbx_database_status.deposit_site                    RCSB 
_pdbx_database_status.process_site                    PDBJ 
_pdbx_database_status.status_code_cs                  ? 
_pdbx_database_status.methods_development_category    ? 
_pdbx_database_status.pdb_format_compatible           Y 
_pdbx_database_status.status_code_nmr_data            ? 
# 
_pdbx_database_related.content_type   unspecified 
_pdbx_database_related.db_id          4XO2 
_pdbx_database_related.db_name        PDB 
_pdbx_database_related.details        . 
# 
loop_
_audit_author.name 
_audit_author.pdbx_ordinal 
'Zhan, L.' 1 
'Gao, Z.'  2 
'Dong, Y.' 3 
# 
_citation.abstract                  ? 
_citation.abstract_id_CAS           ? 
_citation.book_id_ISBN              ? 
_citation.book_publisher            ? 
_citation.book_publisher_city       ? 
_citation.book_title                ? 
_citation.coordinate_linkage        ? 
_citation.country                   US 
_citation.database_id_Medline       ? 
_citation.details                   ? 
_citation.id                        primary 
_citation.journal_abbrev            Biochem.Biophys.Res.Commun. 
_citation.journal_id_ASTM           BBRCA9 
_citation.journal_id_CSD            0146 
_citation.journal_id_ISSN           1090-2104 
_citation.journal_full              ? 
_citation.journal_issue             ? 
_citation.journal_volume            462 
_citation.language                  ? 
_citation.page_first                1 
_citation.page_last                 7 
_citation.title                     'Crystal structure of GnsA from Escherichia coli' 
_citation.year                      2015 
_citation.database_id_CSD           ? 
_citation.pdbx_database_id_DOI      10.1016/j.bbrc.2015.03.133 
_citation.pdbx_database_id_PubMed   25839658 
_citation.unpublished_flag          ? 
# 
loop_
_citation_author.citation_id 
_citation_author.name 
_citation_author.ordinal 
_citation_author.identifier_ORCID 
primary 'Wei, Y.'     1 ? 
primary 'Zhan, L.'    2 ? 
primary 'Gao, Z.'     3 ? 
primary 'Prive, G.G.' 4 ? 
primary 'Dong, Y.'    5 ? 
# 
loop_
_entity.id 
_entity.type 
_entity.src_method 
_entity.pdbx_description 
_entity.formula_weight 
_entity.pdbx_number_of_molecules 
_entity.pdbx_ec 
_entity.pdbx_mutation 
_entity.pdbx_fragment 
_entity.details 
1 polymer man 'Protein GnsA' 7236.585 1  ? 'L25M, I36M' ? ? 
2 water   nat water          18.015   44 ? ?            ? ? 
# 
_entity_poly.entity_id                      1 
_entity_poly.type                           'polypeptide(L)' 
_entity_poly.nstd_linkage                   no 
_entity_poly.nstd_monomer                   yes 
_entity_poly.pdbx_seq_one_letter_code       '(MSE)NIEELKKQAETEIADFIAQKIAE(MSE)NKNTGKEVSE(MSE)RFTAREK(MSE)TGLESYDVKIKI(MSE)LEH' 
_entity_poly.pdbx_seq_one_letter_code_can   MNIEELKKQAETEIADFIAQKIAEMNKNTGKEVSEMRFTAREKMTGLESYDVKIKIMLEH 
_entity_poly.pdbx_strand_id                 A 
_entity_poly.pdbx_target_identifier         ? 
# 
_pdbx_entity_nonpoly.entity_id   2 
_pdbx_entity_nonpoly.name        water 
_pdbx_entity_nonpoly.comp_id     HOH 
# 
loop_
_entity_poly_seq.entity_id 
_entity_poly_seq.num 
_entity_poly_seq.mon_id 
_entity_poly_seq.hetero 
1 1  MSE n 
1 2  ASN n 
1 3  ILE n 
1 4  GLU n 
1 5  GLU n 
1 6  LEU n 
1 7  LYS n 
1 8  LYS n 
1 9  GLN n 
1 10 ALA n 
1 11 GLU n 
1 12 THR n 
1 13 GLU n 
1 14 ILE n 
1 15 ALA n 
1 16 ASP n 
1 17 PHE n 
1 18 ILE n 
1 19 ALA n 
1 20 GLN n 
1 21 LYS n 
1 22 ILE n 
1 23 ALA n 
1 24 GLU n 
1 25 MSE n 
1 26 ASN n 
1 27 LYS n 
1 28 ASN n 
1 29 THR n 
1 30 GLY n 
1 31 LYS n 
1 32 GLU n 
1 33 VAL n 
1 34 SER n 
1 35 GLU n 
1 36 MSE n 
1 37 ARG n 
1 38 PHE n 
1 39 THR n 
1 40 ALA n 
1 41 ARG n 
1 42 GLU n 
1 43 LYS n 
1 44 MSE n 
1 45 THR n 
1 46 GLY n 
1 47 LEU n 
1 48 GLU n 
1 49 SER n 
1 50 TYR n 
1 51 ASP n 
1 52 VAL n 
1 53 LYS n 
1 54 ILE n 
1 55 LYS n 
1 56 ILE n 
1 57 MSE n 
1 58 LEU n 
1 59 GLU n 
1 60 HIS n 
# 
_entity_src_gen.entity_id                          1 
_entity_src_gen.pdbx_src_id                        1 
_entity_src_gen.pdbx_alt_source_flag               sample 
_entity_src_gen.pdbx_seq_type                      'Biological sequence' 
_entity_src_gen.pdbx_beg_seq_num                   1 
_entity_src_gen.pdbx_end_seq_num                   60 
_entity_src_gen.gene_src_common_name               ? 
_entity_src_gen.gene_src_genus                     ? 
_entity_src_gen.pdbx_gene_src_gene                 'gnsA, yccL, b4517, JW0976' 
_entity_src_gen.gene_src_species                   ? 
_entity_src_gen.gene_src_strain                    K12 
_entity_src_gen.gene_src_tissue                    ? 
_entity_src_gen.gene_src_tissue_fraction           ? 
_entity_src_gen.gene_src_details                   ? 
_entity_src_gen.pdbx_gene_src_fragment             ? 
_entity_src_gen.pdbx_gene_src_scientific_name      'Escherichia coli' 
_entity_src_gen.pdbx_gene_src_ncbi_taxonomy_id     83333 
_entity_src_gen.pdbx_gene_src_variant              ? 
_entity_src_gen.pdbx_gene_src_cell_line            ? 
_entity_src_gen.pdbx_gene_src_atcc                 ? 
_entity_src_gen.pdbx_gene_src_organ                ? 
_entity_src_gen.pdbx_gene_src_organelle            ? 
_entity_src_gen.pdbx_gene_src_cell                 ? 
_entity_src_gen.pdbx_gene_src_cellular_location    ? 
_entity_src_gen.host_org_common_name               ? 
_entity_src_gen.pdbx_host_org_scientific_name      'Escherichia coli BL21(DE3)' 
_entity_src_gen.pdbx_host_org_ncbi_taxonomy_id     469008 
_entity_src_gen.host_org_genus                     ? 
_entity_src_gen.pdbx_host_org_gene                 ? 
_entity_src_gen.pdbx_host_org_organ                ? 
_entity_src_gen.host_org_species                   ? 
_entity_src_gen.pdbx_host_org_tissue               ? 
_entity_src_gen.pdbx_host_org_tissue_fraction      ? 
_entity_src_gen.pdbx_host_org_strain               ? 
_entity_src_gen.pdbx_host_org_variant              ? 
_entity_src_gen.pdbx_host_org_cell_line            ? 
_entity_src_gen.pdbx_host_org_atcc                 ? 
_entity_src_gen.pdbx_host_org_culture_collection   ? 
_entity_src_gen.pdbx_host_org_cell                 ? 
_entity_src_gen.pdbx_host_org_organelle            ? 
_entity_src_gen.pdbx_host_org_cellular_location    ? 
_entity_src_gen.pdbx_host_org_vector_type          plasmid 
_entity_src_gen.pdbx_host_org_vector               ? 
_entity_src_gen.host_org_details                   ? 
_entity_src_gen.expression_system_id               ? 
_entity_src_gen.plasmid_name                       pET21a 
_entity_src_gen.plasmid_details                    ? 
_entity_src_gen.pdbx_description                   ? 
# 
loop_
_chem_comp.id 
_chem_comp.type 
_chem_comp.mon_nstd_flag 
_chem_comp.name 
_chem_comp.pdbx_synonyms 
_chem_comp.formula 
_chem_comp.formula_weight 
ALA 'L-peptide linking' y ALANINE          ? 'C3 H7 N O2'     89.093  
ARG 'L-peptide linking' y ARGININE         ? 'C6 H15 N4 O2 1' 175.209 
ASN 'L-peptide linking' y ASPARAGINE       ? 'C4 H8 N2 O3'    132.118 
ASP 'L-peptide linking' y 'ASPARTIC ACID'  ? 'C4 H7 N O4'     133.103 
GLN 'L-peptide linking' y GLUTAMINE        ? 'C5 H10 N2 O3'   146.144 
GLU 'L-peptide linking' y 'GLUTAMIC ACID'  ? 'C5 H9 N O4'     147.129 
GLY 'peptide linking'   y GLYCINE          ? 'C2 H5 N O2'     75.067  
HIS 'L-peptide linking' y HISTIDINE        ? 'C6 H10 N3 O2 1' 156.162 
HOH non-polymer         . WATER            ? 'H2 O'           18.015  
ILE 'L-peptide linking' y ISOLEUCINE       ? 'C6 H13 N O2'    131.173 
LEU 'L-peptide linking' y LEUCINE          ? 'C6 H13 N O2'    131.173 
LYS 'L-peptide linking' y LYSINE           ? 'C6 H15 N2 O2 1' 147.195 
MSE 'L-peptide linking' n SELENOMETHIONINE ? 'C5 H11 N O2 Se' 196.106 
PHE 'L-peptide linking' y PHENYLALANINE    ? 'C9 H11 N O2'    165.189 
SER 'L-peptide linking' y SERINE           ? 'C3 H7 N O3'     105.093 
THR 'L-peptide linking' y THREONINE        ? 'C4 H9 N O3'     119.119 
TYR 'L-peptide linking' y TYROSINE         ? 'C9 H11 N O3'    181.189 
VAL 'L-peptide linking' y VALINE           ? 'C5 H11 N O2'    117.146 
# 
loop_
_pdbx_poly_seq_scheme.asym_id 
_pdbx_poly_seq_scheme.entity_id 
_pdbx_poly_seq_scheme.seq_id 
_pdbx_poly_seq_scheme.mon_id 
_pdbx_poly_seq_scheme.ndb_seq_num 
_pdbx_poly_seq_scheme.pdb_seq_num 
_pdbx_poly_seq_scheme.auth_seq_num 
_pdbx_poly_seq_scheme.pdb_mon_id 
_pdbx_poly_seq_scheme.auth_mon_id 
_pdbx_poly_seq_scheme.pdb_strand_id 
_pdbx_poly_seq_scheme.pdb_ins_code 
_pdbx_poly_seq_scheme.hetero 
A 1 1  MSE 1  1  1  MSE MSE A . n 
A 1 2  ASN 2  2  2  ASN ASN A . n 
A 1 3  ILE 3  3  3  ILE ILE A . n 
A 1 4  GLU 4  4  4  GLU GLU A . n 
A 1 5  GLU 5  5  5  GLU GLU A . n 
A 1 6  LEU 6  6  6  LEU LEU A . n 
A 1 7  LYS 7  7  7  LYS LYS A . n 
A 1 8  LYS 8  8  8  LYS LYS A . n 
A 1 9  GLN 9  9  9  GLN GLN A . n 
A 1 10 ALA 10 10 10 ALA ALA A . n 
A 1 11 GLU 11 11 11 GLU GLU A . n 
A 1 12 THR 12 12 12 THR THR A . n 
A 1 13 GLU 13 13 13 GLU GLU A . n 
A 1 14 ILE 14 14 14 ILE ILE A . n 
A 1 15 ALA 15 15 15 ALA ALA A . n 
A 1 16 ASP 16 16 16 ASP ASP A . n 
A 1 17 PHE 17 17 17 PHE PHE A . n 
A 1 18 ILE 18 18 18 ILE ILE A . n 
A 1 19 ALA 19 19 19 ALA ALA A . n 
A 1 20 GLN 20 20 20 GLN GLN A . n 
A 1 21 LYS 21 21 21 LYS LYS A . n 
A 1 22 ILE 22 22 22 ILE ILE A . n 
A 1 23 ALA 23 23 23 ALA ALA A . n 
A 1 24 GLU 24 24 24 GLU GLU A . n 
A 1 25 MSE 25 25 25 MSE MSE A . n 
A 1 26 ASN 26 26 26 ASN ASN A . n 
A 1 27 LYS 27 27 27 LYS LYS A . n 
A 1 28 ASN 28 28 28 ASN ASN A . n 
A 1 29 THR 29 29 29 THR THR A . n 
A 1 30 GLY 30 30 30 GLY GLY A . n 
A 1 31 LYS 31 31 31 LYS LYS A . n 
A 1 32 GLU 32 32 32 GLU GLU A . n 
A 1 33 VAL 33 33 33 VAL VAL A . n 
A 1 34 SER 34 34 34 SER SER A . n 
A 1 35 GLU 35 35 35 GLU GLU A . n 
A 1 36 MSE 36 36 36 MSE MSE A . n 
A 1 37 ARG 37 37 37 ARG ARG A . n 
A 1 38 PHE 38 38 38 PHE PHE A . n 
A 1 39 THR 39 39 39 THR THR A . n 
A 1 40 ALA 40 40 40 ALA ALA A . n 
A 1 41 ARG 41 41 41 ARG ARG A . n 
A 1 42 GLU 42 42 42 GLU GLU A . n 
A 1 43 LYS 43 43 43 LYS LYS A . n 
A 1 44 MSE 44 44 44 MSE MSE A . n 
A 1 45 THR 45 45 45 THR THR A . n 
A 1 46 GLY 46 46 46 GLY GLY A . n 
A 1 47 LEU 47 47 47 LEU LEU A . n 
A 1 48 GLU 48 48 48 GLU GLU A . n 
A 1 49 SER 49 49 49 SER SER A . n 
A 1 50 TYR 50 50 50 TYR TYR A . n 
A 1 51 ASP 51 51 51 ASP ASP A . n 
A 1 52 VAL 52 52 52 VAL VAL A . n 
A 1 53 LYS 53 53 53 LYS LYS A . n 
A 1 54 ILE 54 54 54 ILE ILE A . n 
A 1 55 LYS 55 55 55 LYS LYS A . n 
A 1 56 ILE 56 56 56 ILE ILE A . n 
A 1 57 MSE 57 57 57 MSE MSE A . n 
A 1 58 LEU 58 58 58 LEU LEU A . n 
A 1 59 GLU 59 59 59 GLU GLU A . n 
A 1 60 HIS 60 60 60 HIS HIS A . n 
# 
loop_
_pdbx_nonpoly_scheme.asym_id 
_pdbx_nonpoly_scheme.entity_id 
_pdbx_nonpoly_scheme.mon_id 
_pdbx_nonpoly_scheme.ndb_seq_num 
_pdbx_nonpoly_scheme.pdb_seq_num 
_pdbx_nonpoly_scheme.auth_seq_num 
_pdbx_nonpoly_scheme.pdb_mon_id 
_pdbx_nonpoly_scheme.auth_mon_id 
_pdbx_nonpoly_scheme.pdb_strand_id 
_pdbx_nonpoly_scheme.pdb_ins_code 
B 2 HOH 1  101 13 HOH HOH A . 
B 2 HOH 2  102 17 HOH HOH A . 
B 2 HOH 3  103 3  HOH HOH A . 
B 2 HOH 4  104 9  HOH HOH A . 
B 2 HOH 5  105 36 HOH HOH A . 
B 2 HOH 6  106 18 HOH HOH A . 
B 2 HOH 7  107 20 HOH HOH A . 
B 2 HOH 8  108 44 HOH HOH A . 
B 2 HOH 9  109 16 HOH HOH A . 
B 2 HOH 10 110 2  HOH HOH A . 
B 2 HOH 11 111 21 HOH HOH A . 
B 2 HOH 12 112 28 HOH HOH A . 
B 2 HOH 13 113 12 HOH HOH A . 
B 2 HOH 14 114 25 HOH HOH A . 
B 2 HOH 15 115 6  HOH HOH A . 
B 2 HOH 16 116 7  HOH HOH A . 
B 2 HOH 17 117 1  HOH HOH A . 
B 2 HOH 18 118 22 HOH HOH A . 
B 2 HOH 19 119 58 HOH HOH A . 
B 2 HOH 20 120 34 HOH HOH A . 
B 2 HOH 21 121 4  HOH HOH A . 
B 2 HOH 22 122 5  HOH HOH A . 
B 2 HOH 23 123 39 HOH HOH A . 
B 2 HOH 24 124 15 HOH HOH A . 
B 2 HOH 25 125 43 HOH HOH A . 
B 2 HOH 26 126 35 HOH HOH A . 
B 2 HOH 27 127 33 HOH HOH A . 
B 2 HOH 28 128 11 HOH HOH A . 
B 2 HOH 29 129 26 HOH HOH A . 
B 2 HOH 30 130 47 HOH HOH A . 
B 2 HOH 31 131 8  HOH HOH A . 
B 2 HOH 32 132 50 HOH HOH A . 
B 2 HOH 33 133 52 HOH HOH A . 
B 2 HOH 34 134 53 HOH HOH A . 
B 2 HOH 35 135 29 HOH HOH A . 
B 2 HOH 36 136 19 HOH HOH A . 
B 2 HOH 37 137 51 HOH HOH A . 
B 2 HOH 38 138 45 HOH HOH A . 
B 2 HOH 39 139 30 HOH HOH A . 
B 2 HOH 40 140 46 HOH HOH A . 
B 2 HOH 41 141 42 HOH HOH A . 
B 2 HOH 42 142 23 HOH HOH A . 
B 2 HOH 43 143 41 HOH HOH A . 
B 2 HOH 44 144 10 HOH HOH A . 
# 
loop_
_pdbx_unobs_or_zero_occ_atoms.id 
_pdbx_unobs_or_zero_occ_atoms.PDB_model_num 
_pdbx_unobs_or_zero_occ_atoms.polymer_flag 
_pdbx_unobs_or_zero_occ_atoms.occupancy_flag 
_pdbx_unobs_or_zero_occ_atoms.auth_asym_id 
_pdbx_unobs_or_zero_occ_atoms.auth_comp_id 
_pdbx_unobs_or_zero_occ_atoms.auth_seq_id 
_pdbx_unobs_or_zero_occ_atoms.PDB_ins_code 
_pdbx_unobs_or_zero_occ_atoms.auth_atom_id 
_pdbx_unobs_or_zero_occ_atoms.label_alt_id 
_pdbx_unobs_or_zero_occ_atoms.label_asym_id 
_pdbx_unobs_or_zero_occ_atoms.label_comp_id 
_pdbx_unobs_or_zero_occ_atoms.label_seq_id 
_pdbx_unobs_or_zero_occ_atoms.label_atom_id 
1 1 Y 1 A LYS 27 ? CE ? A LYS 27 CE 
2 1 Y 1 A LYS 27 ? NZ ? A LYS 27 NZ 
# 
loop_
_software.citation_id 
_software.classification 
_software.compiler_name 
_software.compiler_version 
_software.contact_author 
_software.contact_author_email 
_software.date 
_software.description 
_software.dependencies 
_software.hardware 
_software.language 
_software.location 
_software.mods 
_software.name 
_software.os 
_software.os_version 
_software.type 
_software.version 
_software.pdbx_ordinal 
? refinement       ? ? ? ? ? ? ? ? ? ? ? PHENIX   ? ? ? '(phenix.refine: 1.8.2_1309)' 1 
? 'data reduction' ? ? ? ? ? ? ? ? ? ? ? HKL-2000 ? ? ? .                             2 
? 'data scaling'   ? ? ? ? ? ? ? ? ? ? ? HKL-2000 ? ? ? .                             3 
? phasing          ? ? ? ? ? ? ? ? ? ? ? PHENIX   ? ? ? .                             4 
# 
_cell.angle_alpha                  90.00 
_cell.angle_alpha_esd              ? 
_cell.angle_beta                   90.00 
_cell.angle_beta_esd               ? 
_cell.angle_gamma                  90.00 
_cell.angle_gamma_esd              ? 
_cell.entry_id                     4XO1 
_cell.details                      ? 
_cell.formula_units_Z              ? 
_cell.length_a                     38.074 
_cell.length_a_esd                 ? 
_cell.length_b                     42.539 
_cell.length_b_esd                 ? 
_cell.length_c                     72.782 
_cell.length_c_esd                 ? 
_cell.volume                       ? 
_cell.volume_esd                   ? 
_cell.Z_PDB                        8 
_cell.reciprocal_angle_alpha       ? 
_cell.reciprocal_angle_beta        ? 
_cell.reciprocal_angle_gamma       ? 
_cell.reciprocal_angle_alpha_esd   ? 
_cell.reciprocal_angle_beta_esd    ? 
_cell.reciprocal_angle_gamma_esd   ? 
_cell.reciprocal_length_a          ? 
_cell.reciprocal_length_b          ? 
_cell.reciprocal_length_c          ? 
_cell.reciprocal_length_a_esd      ? 
_cell.reciprocal_length_b_esd      ? 
_cell.reciprocal_length_c_esd      ? 
_cell.pdbx_unique_axis             ? 
# 
_symmetry.entry_id                         4XO1 
_symmetry.cell_setting                     ? 
_symmetry.Int_Tables_number                20 
_symmetry.space_group_name_Hall            ? 
_symmetry.space_group_name_H-M             'C 2 2 21' 
_symmetry.pdbx_full_space_group_name_H-M   ? 
# 
_exptl.absorpt_coefficient_mu     ? 
_exptl.absorpt_correction_T_max   ? 
_exptl.absorpt_correction_T_min   ? 
_exptl.absorpt_correction_type    ? 
_exptl.absorpt_process_details    ? 
_exptl.entry_id                   4XO1 
_exptl.crystals_number            ? 
_exptl.details                    ? 
_exptl.method                     'X-RAY DIFFRACTION' 
_exptl.method_details             ? 
# 
_exptl_crystal.colour                      ? 
_exptl_crystal.density_diffrn              ? 
_exptl_crystal.density_Matthews            2.25 
_exptl_crystal.density_method              ? 
_exptl_crystal.density_percent_sol         45.4 
_exptl_crystal.description                 'THE ENTRY CONTAINS FRIEDEL PAIRS IN F_PLUS/MINUS COLUMNS.' 
_exptl_crystal.F_000                       ? 
_exptl_crystal.id                          1 
_exptl_crystal.preparation                 ? 
_exptl_crystal.size_max                    ? 
_exptl_crystal.size_mid                    ? 
_exptl_crystal.size_min                    ? 
_exptl_crystal.size_rad                    ? 
_exptl_crystal.colour_lustre               ? 
_exptl_crystal.colour_modifier             ? 
_exptl_crystal.colour_primary              ? 
_exptl_crystal.density_meas                ? 
_exptl_crystal.density_meas_esd            ? 
_exptl_crystal.density_meas_gt             ? 
_exptl_crystal.density_meas_lt             ? 
_exptl_crystal.density_meas_temp           ? 
_exptl_crystal.density_meas_temp_esd       ? 
_exptl_crystal.density_meas_temp_gt        ? 
_exptl_crystal.density_meas_temp_lt        ? 
_exptl_crystal.pdbx_crystal_image_url      ? 
_exptl_crystal.pdbx_crystal_image_format   ? 
_exptl_crystal.pdbx_mosaicity              ? 
_exptl_crystal.pdbx_mosaicity_esd          ? 
# 
_exptl_crystal_grow.apparatus       ? 
_exptl_crystal_grow.atmosphere      ? 
_exptl_crystal_grow.crystal_id      1 
_exptl_crystal_grow.details         ? 
_exptl_crystal_grow.method          'VAPOR DIFFUSION, SITTING DROP' 
_exptl_crystal_grow.method_ref      ? 
_exptl_crystal_grow.pH              5.5 
_exptl_crystal_grow.pressure        ? 
_exptl_crystal_grow.pressure_esd    ? 
_exptl_crystal_grow.seeding         ? 
_exptl_crystal_grow.seeding_ref     ? 
_exptl_crystal_grow.temp            293 
_exptl_crystal_grow.temp_details    ? 
_exptl_crystal_grow.temp_esd        ? 
_exptl_crystal_grow.time            ? 
_exptl_crystal_grow.pdbx_details    '0.1M BIS-TRIS pH 5.5, 25%(w/v) Polyethylene glycol 3,350' 
_exptl_crystal_grow.pdbx_pH_range   ? 
# 
_diffrn.ambient_environment    ? 
_diffrn.ambient_temp           100 
_diffrn.ambient_temp_details   ? 
_diffrn.ambient_temp_esd       ? 
_diffrn.crystal_id             1 
_diffrn.crystal_support        ? 
_diffrn.crystal_treatment      ? 
_diffrn.details                ? 
_diffrn.id                     1 
_diffrn.ambient_pressure       ? 
_diffrn.ambient_pressure_esd   ? 
_diffrn.ambient_pressure_gt    ? 
_diffrn.ambient_pressure_lt    ? 
_diffrn.ambient_temp_gt        ? 
_diffrn.ambient_temp_lt        ? 
# 
_diffrn_detector.details                      ? 
_diffrn_detector.detector                     CCD 
_diffrn_detector.diffrn_id                    1 
_diffrn_detector.type                         'MAR CCD 165 mm' 
_diffrn_detector.area_resol_mean              ? 
_diffrn_detector.dtime                        ? 
_diffrn_detector.pdbx_frames_total            ? 
_diffrn_detector.pdbx_collection_time_total   ? 
_diffrn_detector.pdbx_collection_date         2014-10-05 
# 
_diffrn_radiation.collimation                      ? 
_diffrn_radiation.diffrn_id                        1 
_diffrn_radiation.filter_edge                      ? 
_diffrn_radiation.inhomogeneity                    ? 
_diffrn_radiation.monochromator                    ? 
_diffrn_radiation.polarisn_norm                    ? 
_diffrn_radiation.polarisn_ratio                   ? 
_diffrn_radiation.probe                            ? 
_diffrn_radiation.type                             ? 
_diffrn_radiation.xray_symbol                      ? 
_diffrn_radiation.wavelength_id                    1 
_diffrn_radiation.pdbx_monochromatic_or_laue_m_l   M 
_diffrn_radiation.pdbx_wavelength_list             ? 
_diffrn_radiation.pdbx_wavelength                  ? 
_diffrn_radiation.pdbx_diffrn_protocol             'SINGLE WAVELENGTH' 
_diffrn_radiation.pdbx_analyzer                    ? 
_diffrn_radiation.pdbx_scattering_type             x-ray 
# 
_diffrn_radiation_wavelength.id           1 
_diffrn_radiation_wavelength.wavelength   0.9792 
_diffrn_radiation_wavelength.wt           1.0 
# 
_diffrn_source.current                     ? 
_diffrn_source.details                     ? 
_diffrn_source.diffrn_id                   1 
_diffrn_source.power                       ? 
_diffrn_source.size                        ? 
_diffrn_source.source                      SYNCHROTRON 
_diffrn_source.target                      ? 
_diffrn_source.type                        'BSRF BEAMLINE 3W1A' 
_diffrn_source.voltage                     ? 
_diffrn_source.take-off_angle              ? 
_diffrn_source.pdbx_wavelength_list        0.9792 
_diffrn_source.pdbx_wavelength             ? 
_diffrn_source.pdbx_synchrotron_beamline   3W1A 
_diffrn_source.pdbx_synchrotron_site       BSRF 
# 
_reflns.B_iso_Wilson_estimate            ? 
_reflns.entry_id                         4XO1 
_reflns.data_reduction_details           ? 
_reflns.data_reduction_method            ? 
_reflns.d_resolution_high                1.80 
_reflns.d_resolution_low                 50.0 
_reflns.details                          ? 
_reflns.limit_h_max                      ? 
_reflns.limit_h_min                      ? 
_reflns.limit_k_max                      ? 
_reflns.limit_k_min                      ? 
_reflns.limit_l_max                      ? 
_reflns.limit_l_min                      ? 
_reflns.number_all                       ? 
_reflns.number_obs                       10526 
_reflns.observed_criterion               ? 
_reflns.observed_criterion_F_max         ? 
_reflns.observed_criterion_F_min         ? 
_reflns.observed_criterion_I_max         ? 
_reflns.observed_criterion_I_min         ? 
_reflns.observed_criterion_sigma_F       ? 
_reflns.observed_criterion_sigma_I       ? 
_reflns.percent_possible_obs             99.9 
_reflns.R_free_details                   ? 
_reflns.Rmerge_F_all                     ? 
_reflns.Rmerge_F_obs                     ? 
_reflns.Friedel_coverage                 ? 
_reflns.number_gt                        ? 
_reflns.threshold_expression             ? 
_reflns.pdbx_redundancy                  14.1 
_reflns.pdbx_Rmerge_I_obs                0.060 
_reflns.pdbx_Rmerge_I_all                ? 
_reflns.pdbx_Rsym_value                  ? 
_reflns.pdbx_netI_over_av_sigmaI         ? 
_reflns.pdbx_netI_over_sigmaI            60.3 
_reflns.pdbx_res_netI_over_av_sigmaI_2   ? 
_reflns.pdbx_res_netI_over_sigmaI_2      ? 
_reflns.pdbx_chi_squared                 ? 
_reflns.pdbx_scaling_rejects             ? 
_reflns.pdbx_d_res_high_opt              ? 
_reflns.pdbx_d_res_low_opt               ? 
_reflns.pdbx_d_res_opt_method            ? 
_reflns.phase_calculation_details        ? 
_reflns.pdbx_Rrim_I_all                  ? 
_reflns.pdbx_Rpim_I_all                  ? 
_reflns.pdbx_d_opt                       ? 
_reflns.pdbx_number_measured_all         ? 
_reflns.pdbx_diffrn_id                   1 
_reflns.pdbx_ordinal                     1 
_reflns.pdbx_CC_half                     ? 
_reflns.pdbx_R_split                     ? 
# 
_reflns_shell.d_res_high                  1.80 
_reflns_shell.d_res_low                   1.83 
_reflns_shell.meanI_over_sigI_all         ? 
_reflns_shell.meanI_over_sigI_obs         6.90 
_reflns_shell.number_measured_all         ? 
_reflns_shell.number_measured_obs         ? 
_reflns_shell.number_possible             ? 
_reflns_shell.number_unique_all           ? 
_reflns_shell.number_unique_obs           ? 
_reflns_shell.percent_possible_all        100 
_reflns_shell.percent_possible_obs        ? 
_reflns_shell.Rmerge_F_all                ? 
_reflns_shell.Rmerge_F_obs                ? 
_reflns_shell.Rmerge_I_all                ? 
_reflns_shell.Rmerge_I_obs                0.414 
_reflns_shell.meanI_over_sigI_gt          ? 
_reflns_shell.meanI_over_uI_all           ? 
_reflns_shell.meanI_over_uI_gt            ? 
_reflns_shell.number_measured_gt          ? 
_reflns_shell.number_unique_gt            ? 
_reflns_shell.percent_possible_gt         ? 
_reflns_shell.Rmerge_F_gt                 ? 
_reflns_shell.Rmerge_I_gt                 ? 
_reflns_shell.pdbx_redundancy             14.2 
_reflns_shell.pdbx_Rsym_value             ? 
_reflns_shell.pdbx_chi_squared            ? 
_reflns_shell.pdbx_netI_over_sigmaI_all   ? 
_reflns_shell.pdbx_netI_over_sigmaI_obs   ? 
_reflns_shell.pdbx_Rrim_I_all             ? 
_reflns_shell.pdbx_Rpim_I_all             ? 
_reflns_shell.pdbx_rejects                ? 
_reflns_shell.pdbx_ordinal                1 
_reflns_shell.pdbx_diffrn_id              1 
_reflns_shell.pdbx_CC_half                ? 
_reflns_shell.pdbx_R_split                ? 
# 
_refine.aniso_B[1][1]                            ? 
_refine.aniso_B[1][2]                            ? 
_refine.aniso_B[1][3]                            ? 
_refine.aniso_B[2][2]                            ? 
_refine.aniso_B[2][3]                            ? 
_refine.aniso_B[3][3]                            ? 
_refine.B_iso_max                                ? 
_refine.B_iso_mean                               ? 
_refine.B_iso_min                                ? 
_refine.correlation_coeff_Fo_to_Fc               ? 
_refine.correlation_coeff_Fo_to_Fc_free          ? 
_refine.details                                  'SF FILE CONTAINS FRIEDEL PAIRS UNDER I/F_MINUS AND I/F_PLUS COLUMNS.' 
_refine.diff_density_max                         ? 
_refine.diff_density_max_esd                     ? 
_refine.diff_density_min                         ? 
_refine.diff_density_min_esd                     ? 
_refine.diff_density_rms                         ? 
_refine.diff_density_rms_esd                     ? 
_refine.entry_id                                 4XO1 
_refine.pdbx_refine_id                           'X-RAY DIFFRACTION' 
_refine.ls_abs_structure_details                 ? 
_refine.ls_abs_structure_Flack                   ? 
_refine.ls_abs_structure_Flack_esd               ? 
_refine.ls_abs_structure_Rogers                  ? 
_refine.ls_abs_structure_Rogers_esd              ? 
_refine.ls_d_res_high                            1.802 
_refine.ls_d_res_low                             28.370 
_refine.ls_extinction_coef                       ? 
_refine.ls_extinction_coef_esd                   ? 
_refine.ls_extinction_expression                 ? 
_refine.ls_extinction_method                     ? 
_refine.ls_goodness_of_fit_all                   ? 
_refine.ls_goodness_of_fit_all_esd               ? 
_refine.ls_goodness_of_fit_obs                   ? 
_refine.ls_goodness_of_fit_obs_esd               ? 
_refine.ls_hydrogen_treatment                    ? 
_refine.ls_matrix_type                           ? 
_refine.ls_number_constraints                    ? 
_refine.ls_number_parameters                     ? 
_refine.ls_number_reflns_all                     ? 
_refine.ls_number_reflns_obs                     10526 
_refine.ls_number_reflns_R_free                  466 
_refine.ls_number_reflns_R_work                  ? 
_refine.ls_number_restraints                     ? 
_refine.ls_percent_reflns_obs                    99.65 
_refine.ls_percent_reflns_R_free                 4.43 
_refine.ls_R_factor_all                          ? 
_refine.ls_R_factor_obs                          0.1960 
_refine.ls_R_factor_R_free                       0.2232 
_refine.ls_R_factor_R_free_error                 ? 
_refine.ls_R_factor_R_free_error_details         ? 
_refine.ls_R_factor_R_work                       0.1946 
_refine.ls_R_Fsqd_factor_obs                     ? 
_refine.ls_R_I_factor_obs                        ? 
_refine.ls_redundancy_reflns_all                 ? 
_refine.ls_redundancy_reflns_obs                 ? 
_refine.ls_restrained_S_all                      ? 
_refine.ls_restrained_S_obs                      ? 
_refine.ls_shift_over_esd_max                    ? 
_refine.ls_shift_over_esd_mean                   ? 
_refine.ls_structure_factor_coef                 ? 
_refine.ls_weighting_details                     ? 
_refine.ls_weighting_scheme                      ? 
_refine.ls_wR_factor_all                         ? 
_refine.ls_wR_factor_obs                         ? 
_refine.ls_wR_factor_R_free                      ? 
_refine.ls_wR_factor_R_work                      ? 
_refine.occupancy_max                            ? 
_refine.occupancy_min                            ? 
_refine.solvent_model_details                    'FLAT BULK SOLVENT MODEL' 
_refine.solvent_model_param_bsol                 ? 
_refine.solvent_model_param_ksol                 ? 
_refine.ls_R_factor_gt                           ? 
_refine.ls_goodness_of_fit_gt                    ? 
_refine.ls_goodness_of_fit_ref                   ? 
_refine.ls_shift_over_su_max                     ? 
_refine.ls_shift_over_su_max_lt                  ? 
_refine.ls_shift_over_su_mean                    ? 
_refine.ls_shift_over_su_mean_lt                 ? 
_refine.pdbx_ls_sigma_I                          ? 
_refine.pdbx_ls_sigma_F                          1.34 
_refine.pdbx_ls_sigma_Fsqd                       ? 
_refine.pdbx_data_cutoff_high_absF               ? 
_refine.pdbx_data_cutoff_high_rms_absF           ? 
_refine.pdbx_data_cutoff_low_absF                ? 
_refine.pdbx_isotropic_thermal_model             ? 
_refine.pdbx_ls_cross_valid_method               'FREE R-VALUE' 
_refine.pdbx_method_to_determine_struct          ? 
_refine.pdbx_starting_model                      ? 
_refine.pdbx_stereochemistry_target_values       ML 
_refine.pdbx_R_Free_selection_details            'random selection' 
_refine.pdbx_stereochem_target_val_spec_case     ? 
_refine.pdbx_overall_ESU_R                       ? 
_refine.pdbx_overall_ESU_R_Free                  ? 
_refine.pdbx_solvent_vdw_probe_radii             1.11 
_refine.pdbx_solvent_ion_probe_radii             ? 
_refine.pdbx_solvent_shrinkage_radii             0.90 
_refine.pdbx_real_space_R                        ? 
_refine.pdbx_density_correlation                 ? 
_refine.pdbx_pd_number_of_powder_patterns        ? 
_refine.pdbx_pd_number_of_points                 ? 
_refine.pdbx_pd_meas_number_of_points            ? 
_refine.pdbx_pd_proc_ls_prof_R_factor            ? 
_refine.pdbx_pd_proc_ls_prof_wR_factor           ? 
_refine.pdbx_pd_Marquardt_correlation_coeff      ? 
_refine.pdbx_pd_Fsqrd_R_factor                   ? 
_refine.pdbx_pd_ls_matrix_band_width             ? 
_refine.pdbx_overall_phase_error                 30.01 
_refine.pdbx_overall_SU_R_free_Cruickshank_DPI   ? 
_refine.pdbx_overall_SU_R_free_Blow_DPI          ? 
_refine.pdbx_overall_SU_R_Blow_DPI               ? 
_refine.pdbx_TLS_residual_ADP_flag               ? 
_refine.pdbx_diffrn_id                           1 
_refine.overall_SU_B                             ? 
_refine.overall_SU_ML                            0.25 
_refine.overall_SU_R_Cruickshank_DPI             ? 
_refine.overall_SU_R_free                        ? 
_refine.overall_FOM_free_R_set                   ? 
_refine.overall_FOM_work_R_set                   ? 
_refine.pdbx_average_fsc_overall                 ? 
_refine.pdbx_average_fsc_work                    ? 
_refine.pdbx_average_fsc_free                    ? 
# 
_refine_hist.pdbx_refine_id                   'X-RAY DIFFRACTION' 
_refine_hist.cycle_id                         LAST 
_refine_hist.pdbx_number_atoms_protein        483 
_refine_hist.pdbx_number_atoms_nucleic_acid   0 
_refine_hist.pdbx_number_atoms_ligand         0 
_refine_hist.number_atoms_solvent             44 
_refine_hist.number_atoms_total               527 
_refine_hist.d_res_high                       1.802 
_refine_hist.d_res_low                        28.370 
# 
loop_
_refine_ls_restr.pdbx_refine_id 
_refine_ls_restr.criterion 
_refine_ls_restr.dev_ideal 
_refine_ls_restr.dev_ideal_target 
_refine_ls_restr.number 
_refine_ls_restr.rejects 
_refine_ls_restr.type 
_refine_ls_restr.weight 
_refine_ls_restr.pdbx_restraint_function 
'X-RAY DIFFRACTION' ? 0.009  ? 495 ? f_bond_d           ? ? 
'X-RAY DIFFRACTION' ? 1.220  ? 658 ? f_angle_d          ? ? 
'X-RAY DIFFRACTION' ? 19.460 ? 200 ? f_dihedral_angle_d ? ? 
'X-RAY DIFFRACTION' ? 0.096  ? 74  ? f_chiral_restr     ? ? 
'X-RAY DIFFRACTION' ? 0.003  ? 84  ? f_plane_restr      ? ? 
# 
loop_
_refine_ls_shell.pdbx_refine_id 
_refine_ls_shell.d_res_high 
_refine_ls_shell.d_res_low 
_refine_ls_shell.number_reflns_all 
_refine_ls_shell.number_reflns_obs 
_refine_ls_shell.number_reflns_R_free 
_refine_ls_shell.number_reflns_R_work 
_refine_ls_shell.percent_reflns_obs 
_refine_ls_shell.percent_reflns_R_free 
_refine_ls_shell.R_factor_all 
_refine_ls_shell.R_factor_obs 
_refine_ls_shell.R_factor_R_free 
_refine_ls_shell.R_factor_R_free_error 
_refine_ls_shell.R_factor_R_work 
_refine_ls_shell.redundancy_reflns_all 
_refine_ls_shell.redundancy_reflns_obs 
_refine_ls_shell.wR_factor_all 
_refine_ls_shell.wR_factor_obs 
_refine_ls_shell.wR_factor_R_free 
_refine_ls_shell.wR_factor_R_work 
_refine_ls_shell.pdbx_total_number_of_bins_used 
_refine_ls_shell.pdbx_phase_error 
_refine_ls_shell.pdbx_fsc_work 
_refine_ls_shell.pdbx_fsc_free 
'X-RAY DIFFRACTION' 1.8017 2.0624  . . 149 3359 100.00 . . . 0.3189 . 0.2158 . . . . . . . . . . 
'X-RAY DIFFRACTION' 2.0624 2.5981  . . 156 3356 100.00 . . . 0.2687 . 0.2186 . . . . . . . . . . 
'X-RAY DIFFRACTION' 2.5981 28.3736 . . 161 3345 100.00 . . . 0.1890 . 0.1811 . . . . . . . . . . 
# 
_struct.entry_id                     4XO1 
_struct.title                        'crystal structure of Se-Met GnsA with double mutations' 
_struct.pdbx_model_details           ? 
_struct.pdbx_formula_weight          ? 
_struct.pdbx_formula_weight_method   ? 
_struct.pdbx_model_type_details      ? 
_struct.pdbx_CASP_flag               ? 
# 
_struct_keywords.entry_id        4XO1 
_struct_keywords.text            'suppressor, PROTEIN BINDING' 
_struct_keywords.pdbx_keywords   'PROTEIN BINDING' 
# 
loop_
_struct_asym.id 
_struct_asym.pdbx_blank_PDB_chainid_flag 
_struct_asym.pdbx_modified 
_struct_asym.entity_id 
_struct_asym.details 
A N N 1 ? 
B N N 2 ? 
# 
_struct_ref.id                         1 
_struct_ref.db_name                    UNP 
_struct_ref.db_code                    GNSA_ECOLI 
_struct_ref.pdbx_db_accession          P0AC92 
_struct_ref.pdbx_db_isoform            ? 
_struct_ref.entity_id                  1 
_struct_ref.pdbx_seq_one_letter_code   MNIEELKKQAETEIADFIAQKIAELNKNTGKEVSEIRFTAREKMTGLESYDVKIKIM 
_struct_ref.pdbx_align_begin           1 
# 
_struct_ref_seq.align_id                      1 
_struct_ref_seq.ref_id                        1 
_struct_ref_seq.pdbx_PDB_id_code              4XO1 
_struct_ref_seq.pdbx_strand_id                A 
_struct_ref_seq.seq_align_beg                 1 
_struct_ref_seq.pdbx_seq_align_beg_ins_code   ? 
_struct_ref_seq.seq_align_end                 57 
_struct_ref_seq.pdbx_seq_align_end_ins_code   ? 
_struct_ref_seq.pdbx_db_accession             P0AC92 
_struct_ref_seq.db_align_beg                  1 
_struct_ref_seq.pdbx_db_align_beg_ins_code    ? 
_struct_ref_seq.db_align_end                  57 
_struct_ref_seq.pdbx_db_align_end_ins_code    ? 
_struct_ref_seq.pdbx_auth_seq_align_beg       1 
_struct_ref_seq.pdbx_auth_seq_align_end       57 
# 
loop_
_struct_ref_seq_dif.align_id 
_struct_ref_seq_dif.pdbx_pdb_id_code 
_struct_ref_seq_dif.mon_id 
_struct_ref_seq_dif.pdbx_pdb_strand_id 
_struct_ref_seq_dif.seq_num 
_struct_ref_seq_dif.pdbx_pdb_ins_code 
_struct_ref_seq_dif.pdbx_seq_db_name 
_struct_ref_seq_dif.pdbx_seq_db_accession_code 
_struct_ref_seq_dif.db_mon_id 
_struct_ref_seq_dif.pdbx_seq_db_seq_num 
_struct_ref_seq_dif.details 
_struct_ref_seq_dif.pdbx_auth_seq_num 
_struct_ref_seq_dif.pdbx_ordinal 
1 4XO1 MSE A 25 ? UNP P0AC92 LEU 25 'engineered mutation' 25 1 
1 4XO1 MSE A 36 ? UNP P0AC92 ILE 36 'engineered mutation' 36 2 
1 4XO1 LEU A 58 ? UNP P0AC92 ?   ?  'expression tag'      58 3 
1 4XO1 GLU A 59 ? UNP P0AC92 ?   ?  'expression tag'      59 4 
1 4XO1 HIS A 60 ? UNP P0AC92 ?   ?  'expression tag'      60 5 
# 
_pdbx_struct_assembly.id                   1 
_pdbx_struct_assembly.details              author_and_software_defined_assembly 
_pdbx_struct_assembly.method_details       PISA 
_pdbx_struct_assembly.oligomeric_details   dimeric 
_pdbx_struct_assembly.oligomeric_count     2 
# 
loop_
_pdbx_struct_assembly_prop.biol_id 
_pdbx_struct_assembly_prop.type 
_pdbx_struct_assembly_prop.value 
_pdbx_struct_assembly_prop.details 
1 'ABSA (A^2)' 3150 ? 
1 MORE         -28  ? 
1 'SSA (A^2)'  7690 ? 
# 
_pdbx_struct_assembly_gen.assembly_id       1 
_pdbx_struct_assembly_gen.oper_expression   1,2 
_pdbx_struct_assembly_gen.asym_id_list      A,B 
# 
loop_
_pdbx_struct_oper_list.id 
_pdbx_struct_oper_list.type 
_pdbx_struct_oper_list.name 
_pdbx_struct_oper_list.symmetry_operation 
_pdbx_struct_oper_list.matrix[1][1] 
_pdbx_struct_oper_list.matrix[1][2] 
_pdbx_struct_oper_list.matrix[1][3] 
_pdbx_struct_oper_list.vector[1] 
_pdbx_struct_oper_list.matrix[2][1] 
_pdbx_struct_oper_list.matrix[2][2] 
_pdbx_struct_oper_list.matrix[2][3] 
_pdbx_struct_oper_list.vector[2] 
_pdbx_struct_oper_list.matrix[3][1] 
_pdbx_struct_oper_list.matrix[3][2] 
_pdbx_struct_oper_list.matrix[3][3] 
_pdbx_struct_oper_list.vector[3] 
1 'identity operation'         1_555 x,y,z       1.0000000000  0.0000000000  0.0000000000  0.0000000000  0.0000000000  1.0000000000 0.0000000000 0.0000000000 0.0000000000  0.0000000000 1.0000000000  0.0000000000  
2 'crystal symmetry operation' 3_554 -x,y,-z-1/2 -0.8227929522 -0.4994304321 -0.2712581821 -2.2087955498 -0.4994304321 0.4075667959 0.7644988884 1.0510336685 -0.2712581821 0.7644988884 -0.5847738437 -3.3780818363 
# 
_struct_conf.conf_type_id            HELX_P 
_struct_conf.id                      HELX_P1 
_struct_conf.pdbx_PDB_helix_id       AA1 
_struct_conf.beg_label_comp_id       ASN 
_struct_conf.beg_label_asym_id       A 
_struct_conf.beg_label_seq_id        2 
_struct_conf.pdbx_beg_PDB_ins_code   ? 
_struct_conf.end_label_comp_id       GLY 
_struct_conf.end_label_asym_id       A 
_struct_conf.end_label_seq_id        30 
_struct_conf.pdbx_end_PDB_ins_code   ? 
_struct_conf.beg_auth_comp_id        ASN 
_struct_conf.beg_auth_asym_id        A 
_struct_conf.beg_auth_seq_id         2 
_struct_conf.end_auth_comp_id        GLY 
_struct_conf.end_auth_asym_id        A 
_struct_conf.end_auth_seq_id         30 
_struct_conf.pdbx_PDB_helix_class    1 
_struct_conf.details                 ? 
_struct_conf.pdbx_PDB_helix_length   29 
# 
_struct_conf_type.id          HELX_P 
_struct_conf_type.criteria    ? 
_struct_conf_type.reference   ? 
# 
loop_
_struct_conn.id 
_struct_conn.conn_type_id 
_struct_conn.pdbx_leaving_atom_flag 
_struct_conn.pdbx_PDB_id 
_struct_conn.ptnr1_label_asym_id 
_struct_conn.ptnr1_label_comp_id 
_struct_conn.ptnr1_label_seq_id 
_struct_conn.ptnr1_label_atom_id 
_struct_conn.pdbx_ptnr1_label_alt_id 
_struct_conn.pdbx_ptnr1_PDB_ins_code 
_struct_conn.pdbx_ptnr1_standard_comp_id 
_struct_conn.ptnr1_symmetry 
_struct_conn.ptnr2_label_asym_id 
_struct_conn.ptnr2_label_comp_id 
_struct_conn.ptnr2_label_seq_id 
_struct_conn.ptnr2_label_atom_id 
_struct_conn.pdbx_ptnr2_label_alt_id 
_struct_conn.pdbx_ptnr2_PDB_ins_code 
_struct_conn.ptnr1_auth_asym_id 
_struct_conn.ptnr1_auth_comp_id 
_struct_conn.ptnr1_auth_seq_id 
_struct_conn.ptnr2_auth_asym_id 
_struct_conn.ptnr2_auth_comp_id 
_struct_conn.ptnr2_auth_seq_id 
_struct_conn.ptnr2_symmetry 
_struct_conn.pdbx_ptnr3_label_atom_id 
_struct_conn.pdbx_ptnr3_label_seq_id 
_struct_conn.pdbx_ptnr3_label_comp_id 
_struct_conn.pdbx_ptnr3_label_asym_id 
_struct_conn.pdbx_ptnr3_label_alt_id 
_struct_conn.pdbx_ptnr3_PDB_ins_code 
_struct_conn.details 
_struct_conn.pdbx_dist_value 
_struct_conn.pdbx_value_order 
_struct_conn.pdbx_role 
covale1  covale both ? A MSE 1  C ? ? ? 1_555 A ASN 2  N ? ? A MSE 1  A ASN 2  1_555 ? ? ? ? ? ? ? 1.333 ? ? 
covale2  covale both ? A GLU 24 C ? ? ? 1_555 A MSE 25 N ? ? A GLU 24 A MSE 25 1_555 ? ? ? ? ? ? ? 1.331 ? ? 
covale3  covale both ? A MSE 25 C ? ? ? 1_555 A ASN 26 N ? ? A MSE 25 A ASN 26 1_555 ? ? ? ? ? ? ? 1.328 ? ? 
covale4  covale both ? A GLU 35 C ? ? ? 1_555 A MSE 36 N ? ? A GLU 35 A MSE 36 1_555 ? ? ? ? ? ? ? 1.330 ? ? 
covale5  covale both ? A MSE 36 C ? ? ? 1_555 A ARG 37 N ? ? A MSE 36 A ARG 37 1_555 ? ? ? ? ? ? ? 1.329 ? ? 
covale6  covale both ? A LYS 43 C ? ? ? 1_555 A MSE 44 N A ? A LYS 43 A MSE 44 1_555 ? ? ? ? ? ? ? 1.332 ? ? 
covale7  covale both ? A LYS 43 C ? ? ? 1_555 A MSE 44 N B ? A LYS 43 A MSE 44 1_555 ? ? ? ? ? ? ? 1.332 ? ? 
covale8  covale both ? A MSE 44 C A ? ? 1_555 A THR 45 N ? ? A MSE 44 A THR 45 1_555 ? ? ? ? ? ? ? 1.330 ? ? 
covale9  covale both ? A MSE 44 C B ? ? 1_555 A THR 45 N ? ? A MSE 44 A THR 45 1_555 ? ? ? ? ? ? ? 1.331 ? ? 
covale10 covale both ? A ILE 56 C ? ? ? 1_555 A MSE 57 N ? ? A ILE 56 A MSE 57 1_555 ? ? ? ? ? ? ? 1.326 ? ? 
covale11 covale both ? A MSE 57 C ? ? ? 1_555 A LEU 58 N ? ? A MSE 57 A LEU 58 1_555 ? ? ? ? ? ? ? 1.329 ? ? 
# 
_struct_conn_type.id          covale 
_struct_conn_type.criteria    ? 
_struct_conn_type.reference   ? 
# 
loop_
_pdbx_modification_feature.ordinal 
_pdbx_modification_feature.label_comp_id 
_pdbx_modification_feature.label_asym_id 
_pdbx_modification_feature.label_seq_id 
_pdbx_modification_feature.label_alt_id 
_pdbx_modification_feature.modified_residue_label_comp_id 
_pdbx_modification_feature.modified_residue_label_asym_id 
_pdbx_modification_feature.modified_residue_label_seq_id 
_pdbx_modification_feature.modified_residue_label_alt_id 
_pdbx_modification_feature.auth_comp_id 
_pdbx_modification_feature.auth_asym_id 
_pdbx_modification_feature.auth_seq_id 
_pdbx_modification_feature.PDB_ins_code 
_pdbx_modification_feature.symmetry 
_pdbx_modification_feature.modified_residue_auth_comp_id 
_pdbx_modification_feature.modified_residue_auth_asym_id 
_pdbx_modification_feature.modified_residue_auth_seq_id 
_pdbx_modification_feature.modified_residue_PDB_ins_code 
_pdbx_modification_feature.modified_residue_symmetry 
_pdbx_modification_feature.comp_id_linking_atom 
_pdbx_modification_feature.modified_residue_id_linking_atom 
_pdbx_modification_feature.modified_residue_id 
_pdbx_modification_feature.ref_pcm_id 
_pdbx_modification_feature.ref_comp_id 
_pdbx_modification_feature.type 
_pdbx_modification_feature.category 
1 MSE A 1  ? . . . . MSE A 1  ? 1_555 . . . . . . . MET 1 MSE Selenomethionine 'Named protein modification' 
2 MSE A 25 ? . . . . MSE A 25 ? 1_555 . . . . . . . MET 1 MSE Selenomethionine 'Named protein modification' 
3 MSE A 36 ? . . . . MSE A 36 ? 1_555 . . . . . . . MET 1 MSE Selenomethionine 'Named protein modification' 
4 MSE A 44 A . . . . MSE A 44 ? 1_555 . . . . . . . MET 1 MSE Selenomethionine 'Named protein modification' 
5 MSE A 44 B . . . . MSE A 44 ? 1_555 . . . . . . . MET 1 MSE Selenomethionine 'Named protein modification' 
6 MSE A 57 ? . . . . MSE A 57 ? 1_555 . . . . . . . MET 1 MSE Selenomethionine 'Named protein modification' 
# 
_struct_sheet.id               AA1 
_struct_sheet.type             ? 
_struct_sheet.number_strands   2 
_struct_sheet.details          ? 
# 
_struct_sheet_order.sheet_id     AA1 
_struct_sheet_order.range_id_1   1 
_struct_sheet_order.range_id_2   2 
_struct_sheet_order.offset       ? 
_struct_sheet_order.sense        anti-parallel 
# 
loop_
_struct_sheet_range.sheet_id 
_struct_sheet_range.id 
_struct_sheet_range.beg_label_comp_id 
_struct_sheet_range.beg_label_asym_id 
_struct_sheet_range.beg_label_seq_id 
_struct_sheet_range.pdbx_beg_PDB_ins_code 
_struct_sheet_range.end_label_comp_id 
_struct_sheet_range.end_label_asym_id 
_struct_sheet_range.end_label_seq_id 
_struct_sheet_range.pdbx_end_PDB_ins_code 
_struct_sheet_range.beg_auth_comp_id 
_struct_sheet_range.beg_auth_asym_id 
_struct_sheet_range.beg_auth_seq_id 
_struct_sheet_range.end_auth_comp_id 
_struct_sheet_range.end_auth_asym_id 
_struct_sheet_range.end_auth_seq_id 
AA1 1 GLU A 32 ? LYS A 43 ? GLU A 32 LYS A 43 
AA1 2 GLY A 46 ? MSE A 57 ? GLY A 46 MSE A 57 
# 
_pdbx_struct_sheet_hbond.sheet_id                AA1 
_pdbx_struct_sheet_hbond.range_id_1              1 
_pdbx_struct_sheet_hbond.range_id_2              2 
_pdbx_struct_sheet_hbond.range_1_label_atom_id   N 
_pdbx_struct_sheet_hbond.range_1_label_comp_id   ARG 
_pdbx_struct_sheet_hbond.range_1_label_asym_id   A 
_pdbx_struct_sheet_hbond.range_1_label_seq_id    41 
_pdbx_struct_sheet_hbond.range_1_PDB_ins_code    ? 
_pdbx_struct_sheet_hbond.range_1_auth_atom_id    N 
_pdbx_struct_sheet_hbond.range_1_auth_comp_id    ARG 
_pdbx_struct_sheet_hbond.range_1_auth_asym_id    A 
_pdbx_struct_sheet_hbond.range_1_auth_seq_id     41 
_pdbx_struct_sheet_hbond.range_2_label_atom_id   O 
_pdbx_struct_sheet_hbond.range_2_label_comp_id   SER 
_pdbx_struct_sheet_hbond.range_2_label_asym_id   A 
_pdbx_struct_sheet_hbond.range_2_label_seq_id    49 
_pdbx_struct_sheet_hbond.range_2_PDB_ins_code    ? 
_pdbx_struct_sheet_hbond.range_2_auth_atom_id    O 
_pdbx_struct_sheet_hbond.range_2_auth_comp_id    SER 
_pdbx_struct_sheet_hbond.range_2_auth_asym_id    A 
_pdbx_struct_sheet_hbond.range_2_auth_seq_id     49 
# 
_pdbx_entry_details.entry_id                   4XO1 
_pdbx_entry_details.compound_details           ? 
_pdbx_entry_details.source_details             ? 
_pdbx_entry_details.nonpolymer_details         ? 
_pdbx_entry_details.sequence_details           ? 
_pdbx_entry_details.has_ligand_of_interest     ? 
_pdbx_entry_details.has_protein_modification   Y 
# 
_pdbx_validate_torsion.id              1 
_pdbx_validate_torsion.PDB_model_num   1 
_pdbx_validate_torsion.auth_comp_id    LYS 
_pdbx_validate_torsion.auth_asym_id    A 
_pdbx_validate_torsion.auth_seq_id     31 
_pdbx_validate_torsion.PDB_ins_code    ? 
_pdbx_validate_torsion.label_alt_id    ? 
_pdbx_validate_torsion.phi             -117.90 
_pdbx_validate_torsion.psi             -162.75 
# 
loop_
_pdbx_struct_mod_residue.id 
_pdbx_struct_mod_residue.label_asym_id 
_pdbx_struct_mod_residue.label_comp_id 
_pdbx_struct_mod_residue.label_seq_id 
_pdbx_struct_mod_residue.auth_asym_id 
_pdbx_struct_mod_residue.auth_comp_id 
_pdbx_struct_mod_residue.auth_seq_id 
_pdbx_struct_mod_residue.PDB_ins_code 
_pdbx_struct_mod_residue.parent_comp_id 
_pdbx_struct_mod_residue.details 
1 A MSE 1  A MSE 1  ? MET 'modified residue' 
2 A MSE 44 A MSE 44 ? MET 'modified residue' 
3 A MSE 57 A MSE 57 ? MET 'modified residue' 
# 
loop_
_chem_comp_atom.comp_id 
_chem_comp_atom.atom_id 
_chem_comp_atom.type_symbol 
_chem_comp_atom.pdbx_aromatic_flag 
_chem_comp_atom.pdbx_stereo_config 
_chem_comp_atom.pdbx_ordinal 
ALA N    N  N N 1   
ALA CA   C  N S 2   
ALA C    C  N N 3   
ALA O    O  N N 4   
ALA CB   C  N N 5   
ALA OXT  O  N N 6   
ALA H    H  N N 7   
ALA H2   H  N N 8   
ALA HA   H  N N 9   
ALA HB1  H  N N 10  
ALA HB2  H  N N 11  
ALA HB3  H  N N 12  
ALA HXT  H  N N 13  
ARG N    N  N N 14  
ARG CA   C  N S 15  
ARG C    C  N N 16  
ARG O    O  N N 17  
ARG CB   C  N N 18  
ARG CG   C  N N 19  
ARG CD   C  N N 20  
ARG NE   N  N N 21  
ARG CZ   C  N N 22  
ARG NH1  N  N N 23  
ARG NH2  N  N N 24  
ARG OXT  O  N N 25  
ARG H    H  N N 26  
ARG H2   H  N N 27  
ARG HA   H  N N 28  
ARG HB2  H  N N 29  
ARG HB3  H  N N 30  
ARG HG2  H  N N 31  
ARG HG3  H  N N 32  
ARG HD2  H  N N 33  
ARG HD3  H  N N 34  
ARG HE   H  N N 35  
ARG HH11 H  N N 36  
ARG HH12 H  N N 37  
ARG HH21 H  N N 38  
ARG HH22 H  N N 39  
ARG HXT  H  N N 40  
ASN N    N  N N 41  
ASN CA   C  N S 42  
ASN C    C  N N 43  
ASN O    O  N N 44  
ASN CB   C  N N 45  
ASN CG   C  N N 46  
ASN OD1  O  N N 47  
ASN ND2  N  N N 48  
ASN OXT  O  N N 49  
ASN H    H  N N 50  
ASN H2   H  N N 51  
ASN HA   H  N N 52  
ASN HB2  H  N N 53  
ASN HB3  H  N N 54  
ASN HD21 H  N N 55  
ASN HD22 H  N N 56  
ASN HXT  H  N N 57  
ASP N    N  N N 58  
ASP CA   C  N S 59  
ASP C    C  N N 60  
ASP O    O  N N 61  
ASP CB   C  N N 62  
ASP CG   C  N N 63  
ASP OD1  O  N N 64  
ASP OD2  O  N N 65  
ASP OXT  O  N N 66  
ASP H    H  N N 67  
ASP H2   H  N N 68  
ASP HA   H  N N 69  
ASP HB2  H  N N 70  
ASP HB3  H  N N 71  
ASP HD2  H  N N 72  
ASP HXT  H  N N 73  
GLN N    N  N N 74  
GLN CA   C  N S 75  
GLN C    C  N N 76  
GLN O    O  N N 77  
GLN CB   C  N N 78  
GLN CG   C  N N 79  
GLN CD   C  N N 80  
GLN OE1  O  N N 81  
GLN NE2  N  N N 82  
GLN OXT  O  N N 83  
GLN H    H  N N 84  
GLN H2   H  N N 85  
GLN HA   H  N N 86  
GLN HB2  H  N N 87  
GLN HB3  H  N N 88  
GLN HG2  H  N N 89  
GLN HG3  H  N N 90  
GLN HE21 H  N N 91  
GLN HE22 H  N N 92  
GLN HXT  H  N N 93  
GLU N    N  N N 94  
GLU CA   C  N S 95  
GLU C    C  N N 96  
GLU O    O  N N 97  
GLU CB   C  N N 98  
GLU CG   C  N N 99  
GLU CD   C  N N 100 
GLU OE1  O  N N 101 
GLU OE2  O  N N 102 
GLU OXT  O  N N 103 
GLU H    H  N N 104 
GLU H2   H  N N 105 
GLU HA   H  N N 106 
GLU HB2  H  N N 107 
GLU HB3  H  N N 108 
GLU HG2  H  N N 109 
GLU HG3  H  N N 110 
GLU HE2  H  N N 111 
GLU HXT  H  N N 112 
GLY N    N  N N 113 
GLY CA   C  N N 114 
GLY C    C  N N 115 
GLY O    O  N N 116 
GLY OXT  O  N N 117 
GLY H    H  N N 118 
GLY H2   H  N N 119 
GLY HA2  H  N N 120 
GLY HA3  H  N N 121 
GLY HXT  H  N N 122 
HIS N    N  N N 123 
HIS CA   C  N S 124 
HIS C    C  N N 125 
HIS O    O  N N 126 
HIS CB   C  N N 127 
HIS CG   C  Y N 128 
HIS ND1  N  Y N 129 
HIS CD2  C  Y N 130 
HIS CE1  C  Y N 131 
HIS NE2  N  Y N 132 
HIS OXT  O  N N 133 
HIS H    H  N N 134 
HIS H2   H  N N 135 
HIS HA   H  N N 136 
HIS HB2  H  N N 137 
HIS HB3  H  N N 138 
HIS HD1  H  N N 139 
HIS HD2  H  N N 140 
HIS HE1  H  N N 141 
HIS HE2  H  N N 142 
HIS HXT  H  N N 143 
HOH O    O  N N 144 
HOH H1   H  N N 145 
HOH H2   H  N N 146 
ILE N    N  N N 147 
ILE CA   C  N S 148 
ILE C    C  N N 149 
ILE O    O  N N 150 
ILE CB   C  N S 151 
ILE CG1  C  N N 152 
ILE CG2  C  N N 153 
ILE CD1  C  N N 154 
ILE OXT  O  N N 155 
ILE H    H  N N 156 
ILE H2   H  N N 157 
ILE HA   H  N N 158 
ILE HB   H  N N 159 
ILE HG12 H  N N 160 
ILE HG13 H  N N 161 
ILE HG21 H  N N 162 
ILE HG22 H  N N 163 
ILE HG23 H  N N 164 
ILE HD11 H  N N 165 
ILE HD12 H  N N 166 
ILE HD13 H  N N 167 
ILE HXT  H  N N 168 
LEU N    N  N N 169 
LEU CA   C  N S 170 
LEU C    C  N N 171 
LEU O    O  N N 172 
LEU CB   C  N N 173 
LEU CG   C  N N 174 
LEU CD1  C  N N 175 
LEU CD2  C  N N 176 
LEU OXT  O  N N 177 
LEU H    H  N N 178 
LEU H2   H  N N 179 
LEU HA   H  N N 180 
LEU HB2  H  N N 181 
LEU HB3  H  N N 182 
LEU HG   H  N N 183 
LEU HD11 H  N N 184 
LEU HD12 H  N N 185 
LEU HD13 H  N N 186 
LEU HD21 H  N N 187 
LEU HD22 H  N N 188 
LEU HD23 H  N N 189 
LEU HXT  H  N N 190 
LYS N    N  N N 191 
LYS CA   C  N S 192 
LYS C    C  N N 193 
LYS O    O  N N 194 
LYS CB   C  N N 195 
LYS CG   C  N N 196 
LYS CD   C  N N 197 
LYS CE   C  N N 198 
LYS NZ   N  N N 199 
LYS OXT  O  N N 200 
LYS H    H  N N 201 
LYS H2   H  N N 202 
LYS HA   H  N N 203 
LYS HB2  H  N N 204 
LYS HB3  H  N N 205 
LYS HG2  H  N N 206 
LYS HG3  H  N N 207 
LYS HD2  H  N N 208 
LYS HD3  H  N N 209 
LYS HE2  H  N N 210 
LYS HE3  H  N N 211 
LYS HZ1  H  N N 212 
LYS HZ2  H  N N 213 
LYS HZ3  H  N N 214 
LYS HXT  H  N N 215 
MSE N    N  N N 216 
MSE CA   C  N S 217 
MSE C    C  N N 218 
MSE O    O  N N 219 
MSE OXT  O  N N 220 
MSE CB   C  N N 221 
MSE CG   C  N N 222 
MSE SE   SE N N 223 
MSE CE   C  N N 224 
MSE H    H  N N 225 
MSE H2   H  N N 226 
MSE HA   H  N N 227 
MSE HXT  H  N N 228 
MSE HB2  H  N N 229 
MSE HB3  H  N N 230 
MSE HG2  H  N N 231 
MSE HG3  H  N N 232 
MSE HE1  H  N N 233 
MSE HE2  H  N N 234 
MSE HE3  H  N N 235 
PHE N    N  N N 236 
PHE CA   C  N S 237 
PHE C    C  N N 238 
PHE O    O  N N 239 
PHE CB   C  N N 240 
PHE CG   C  Y N 241 
PHE CD1  C  Y N 242 
PHE CD2  C  Y N 243 
PHE CE1  C  Y N 244 
PHE CE2  C  Y N 245 
PHE CZ   C  Y N 246 
PHE OXT  O  N N 247 
PHE H    H  N N 248 
PHE H2   H  N N 249 
PHE HA   H  N N 250 
PHE HB2  H  N N 251 
PHE HB3  H  N N 252 
PHE HD1  H  N N 253 
PHE HD2  H  N N 254 
PHE HE1  H  N N 255 
PHE HE2  H  N N 256 
PHE HZ   H  N N 257 
PHE HXT  H  N N 258 
SER N    N  N N 259 
SER CA   C  N S 260 
SER C    C  N N 261 
SER O    O  N N 262 
SER CB   C  N N 263 
SER OG   O  N N 264 
SER OXT  O  N N 265 
SER H    H  N N 266 
SER H2   H  N N 267 
SER HA   H  N N 268 
SER HB2  H  N N 269 
SER HB3  H  N N 270 
SER HG   H  N N 271 
SER HXT  H  N N 272 
THR N    N  N N 273 
THR CA   C  N S 274 
THR C    C  N N 275 
THR O    O  N N 276 
THR CB   C  N R 277 
THR OG1  O  N N 278 
THR CG2  C  N N 279 
THR OXT  O  N N 280 
THR H    H  N N 281 
THR H2   H  N N 282 
THR HA   H  N N 283 
THR HB   H  N N 284 
THR HG1  H  N N 285 
THR HG21 H  N N 286 
THR HG22 H  N N 287 
THR HG23 H  N N 288 
THR HXT  H  N N 289 
TYR N    N  N N 290 
TYR CA   C  N S 291 
TYR C    C  N N 292 
TYR O    O  N N 293 
TYR CB   C  N N 294 
TYR CG   C  Y N 295 
TYR CD1  C  Y N 296 
TYR CD2  C  Y N 297 
TYR CE1  C  Y N 298 
TYR CE2  C  Y N 299 
TYR CZ   C  Y N 300 
TYR OH   O  N N 301 
TYR OXT  O  N N 302 
TYR H    H  N N 303 
TYR H2   H  N N 304 
TYR HA   H  N N 305 
TYR HB2  H  N N 306 
TYR HB3  H  N N 307 
TYR HD1  H  N N 308 
TYR HD2  H  N N 309 
TYR HE1  H  N N 310 
TYR HE2  H  N N 311 
TYR HH   H  N N 312 
TYR HXT  H  N N 313 
VAL N    N  N N 314 
VAL CA   C  N S 315 
VAL C    C  N N 316 
VAL O    O  N N 317 
VAL CB   C  N N 318 
VAL CG1  C  N N 319 
VAL CG2  C  N N 320 
VAL OXT  O  N N 321 
VAL H    H  N N 322 
VAL H2   H  N N 323 
VAL HA   H  N N 324 
VAL HB   H  N N 325 
VAL HG11 H  N N 326 
VAL HG12 H  N N 327 
VAL HG13 H  N N 328 
VAL HG21 H  N N 329 
VAL HG22 H  N N 330 
VAL HG23 H  N N 331 
VAL HXT  H  N N 332 
# 
loop_
_chem_comp_bond.comp_id 
_chem_comp_bond.atom_id_1 
_chem_comp_bond.atom_id_2 
_chem_comp_bond.value_order 
_chem_comp_bond.pdbx_aromatic_flag 
_chem_comp_bond.pdbx_stereo_config 
_chem_comp_bond.pdbx_ordinal 
ALA N   CA   sing N N 1   
ALA N   H    sing N N 2   
ALA N   H2   sing N N 3   
ALA CA  C    sing N N 4   
ALA CA  CB   sing N N 5   
ALA CA  HA   sing N N 6   
ALA C   O    doub N N 7   
ALA C   OXT  sing N N 8   
ALA CB  HB1  sing N N 9   
ALA CB  HB2  sing N N 10  
ALA CB  HB3  sing N N 11  
ALA OXT HXT  sing N N 12  
ARG N   CA   sing N N 13  
ARG N   H    sing N N 14  
ARG N   H2   sing N N 15  
ARG CA  C    sing N N 16  
ARG CA  CB   sing N N 17  
ARG CA  HA   sing N N 18  
ARG C   O    doub N N 19  
ARG C   OXT  sing N N 20  
ARG CB  CG   sing N N 21  
ARG CB  HB2  sing N N 22  
ARG CB  HB3  sing N N 23  
ARG CG  CD   sing N N 24  
ARG CG  HG2  sing N N 25  
ARG CG  HG3  sing N N 26  
ARG CD  NE   sing N N 27  
ARG CD  HD2  sing N N 28  
ARG CD  HD3  sing N N 29  
ARG NE  CZ   sing N N 30  
ARG NE  HE   sing N N 31  
ARG CZ  NH1  sing N N 32  
ARG CZ  NH2  doub N N 33  
ARG NH1 HH11 sing N N 34  
ARG NH1 HH12 sing N N 35  
ARG NH2 HH21 sing N N 36  
ARG NH2 HH22 sing N N 37  
ARG OXT HXT  sing N N 38  
ASN N   CA   sing N N 39  
ASN N   H    sing N N 40  
ASN N   H2   sing N N 41  
ASN CA  C    sing N N 42  
ASN CA  CB   sing N N 43  
ASN CA  HA   sing N N 44  
ASN C   O    doub N N 45  
ASN C   OXT  sing N N 46  
ASN CB  CG   sing N N 47  
ASN CB  HB2  sing N N 48  
ASN CB  HB3  sing N N 49  
ASN CG  OD1  doub N N 50  
ASN CG  ND2  sing N N 51  
ASN ND2 HD21 sing N N 52  
ASN ND2 HD22 sing N N 53  
ASN OXT HXT  sing N N 54  
ASP N   CA   sing N N 55  
ASP N   H    sing N N 56  
ASP N   H2   sing N N 57  
ASP CA  C    sing N N 58  
ASP CA  CB   sing N N 59  
ASP CA  HA   sing N N 60  
ASP C   O    doub N N 61  
ASP C   OXT  sing N N 62  
ASP CB  CG   sing N N 63  
ASP CB  HB2  sing N N 64  
ASP CB  HB3  sing N N 65  
ASP CG  OD1  doub N N 66  
ASP CG  OD2  sing N N 67  
ASP OD2 HD2  sing N N 68  
ASP OXT HXT  sing N N 69  
GLN N   CA   sing N N 70  
GLN N   H    sing N N 71  
GLN N   H2   sing N N 72  
GLN CA  C    sing N N 73  
GLN CA  CB   sing N N 74  
GLN CA  HA   sing N N 75  
GLN C   O    doub N N 76  
GLN C   OXT  sing N N 77  
GLN CB  CG   sing N N 78  
GLN CB  HB2  sing N N 79  
GLN CB  HB3  sing N N 80  
GLN CG  CD   sing N N 81  
GLN CG  HG2  sing N N 82  
GLN CG  HG3  sing N N 83  
GLN CD  OE1  doub N N 84  
GLN CD  NE2  sing N N 85  
GLN NE2 HE21 sing N N 86  
GLN NE2 HE22 sing N N 87  
GLN OXT HXT  sing N N 88  
GLU N   CA   sing N N 89  
GLU N   H    sing N N 90  
GLU N   H2   sing N N 91  
GLU CA  C    sing N N 92  
GLU CA  CB   sing N N 93  
GLU CA  HA   sing N N 94  
GLU C   O    doub N N 95  
GLU C   OXT  sing N N 96  
GLU CB  CG   sing N N 97  
GLU CB  HB2  sing N N 98  
GLU CB  HB3  sing N N 99  
GLU CG  CD   sing N N 100 
GLU CG  HG2  sing N N 101 
GLU CG  HG3  sing N N 102 
GLU CD  OE1  doub N N 103 
GLU CD  OE2  sing N N 104 
GLU OE2 HE2  sing N N 105 
GLU OXT HXT  sing N N 106 
GLY N   CA   sing N N 107 
GLY N   H    sing N N 108 
GLY N   H2   sing N N 109 
GLY CA  C    sing N N 110 
GLY CA  HA2  sing N N 111 
GLY CA  HA3  sing N N 112 
GLY C   O    doub N N 113 
GLY C   OXT  sing N N 114 
GLY OXT HXT  sing N N 115 
HIS N   CA   sing N N 116 
HIS N   H    sing N N 117 
HIS N   H2   sing N N 118 
HIS CA  C    sing N N 119 
HIS CA  CB   sing N N 120 
HIS CA  HA   sing N N 121 
HIS C   O    doub N N 122 
HIS C   OXT  sing N N 123 
HIS CB  CG   sing N N 124 
HIS CB  HB2  sing N N 125 
HIS CB  HB3  sing N N 126 
HIS CG  ND1  sing Y N 127 
HIS CG  CD2  doub Y N 128 
HIS ND1 CE1  doub Y N 129 
HIS ND1 HD1  sing N N 130 
HIS CD2 NE2  sing Y N 131 
HIS CD2 HD2  sing N N 132 
HIS CE1 NE2  sing Y N 133 
HIS CE1 HE1  sing N N 134 
HIS NE2 HE2  sing N N 135 
HIS OXT HXT  sing N N 136 
HOH O   H1   sing N N 137 
HOH O   H2   sing N N 138 
ILE N   CA   sing N N 139 
ILE N   H    sing N N 140 
ILE N   H2   sing N N 141 
ILE CA  C    sing N N 142 
ILE CA  CB   sing N N 143 
ILE CA  HA   sing N N 144 
ILE C   O    doub N N 145 
ILE C   OXT  sing N N 146 
ILE CB  CG1  sing N N 147 
ILE CB  CG2  sing N N 148 
ILE CB  HB   sing N N 149 
ILE CG1 CD1  sing N N 150 
ILE CG1 HG12 sing N N 151 
ILE CG1 HG13 sing N N 152 
ILE CG2 HG21 sing N N 153 
ILE CG2 HG22 sing N N 154 
ILE CG2 HG23 sing N N 155 
ILE CD1 HD11 sing N N 156 
ILE CD1 HD12 sing N N 157 
ILE CD1 HD13 sing N N 158 
ILE OXT HXT  sing N N 159 
LEU N   CA   sing N N 160 
LEU N   H    sing N N 161 
LEU N   H2   sing N N 162 
LEU CA  C    sing N N 163 
LEU CA  CB   sing N N 164 
LEU CA  HA   sing N N 165 
LEU C   O    doub N N 166 
LEU C   OXT  sing N N 167 
LEU CB  CG   sing N N 168 
LEU CB  HB2  sing N N 169 
LEU CB  HB3  sing N N 170 
LEU CG  CD1  sing N N 171 
LEU CG  CD2  sing N N 172 
LEU CG  HG   sing N N 173 
LEU CD1 HD11 sing N N 174 
LEU CD1 HD12 sing N N 175 
LEU CD1 HD13 sing N N 176 
LEU CD2 HD21 sing N N 177 
LEU CD2 HD22 sing N N 178 
LEU CD2 HD23 sing N N 179 
LEU OXT HXT  sing N N 180 
LYS N   CA   sing N N 181 
LYS N   H    sing N N 182 
LYS N   H2   sing N N 183 
LYS CA  C    sing N N 184 
LYS CA  CB   sing N N 185 
LYS CA  HA   sing N N 186 
LYS C   O    doub N N 187 
LYS C   OXT  sing N N 188 
LYS CB  CG   sing N N 189 
LYS CB  HB2  sing N N 190 
LYS CB  HB3  sing N N 191 
LYS CG  CD   sing N N 192 
LYS CG  HG2  sing N N 193 
LYS CG  HG3  sing N N 194 
LYS CD  CE   sing N N 195 
LYS CD  HD2  sing N N 196 
LYS CD  HD3  sing N N 197 
LYS CE  NZ   sing N N 198 
LYS CE  HE2  sing N N 199 
LYS CE  HE3  sing N N 200 
LYS NZ  HZ1  sing N N 201 
LYS NZ  HZ2  sing N N 202 
LYS NZ  HZ3  sing N N 203 
LYS OXT HXT  sing N N 204 
MSE N   CA   sing N N 205 
MSE N   H    sing N N 206 
MSE N   H2   sing N N 207 
MSE CA  C    sing N N 208 
MSE CA  CB   sing N N 209 
MSE CA  HA   sing N N 210 
MSE C   O    doub N N 211 
MSE C   OXT  sing N N 212 
MSE OXT HXT  sing N N 213 
MSE CB  CG   sing N N 214 
MSE CB  HB2  sing N N 215 
MSE CB  HB3  sing N N 216 
MSE CG  SE   sing N N 217 
MSE CG  HG2  sing N N 218 
MSE CG  HG3  sing N N 219 
MSE SE  CE   sing N N 220 
MSE CE  HE1  sing N N 221 
MSE CE  HE2  sing N N 222 
MSE CE  HE3  sing N N 223 
PHE N   CA   sing N N 224 
PHE N   H    sing N N 225 
PHE N   H2   sing N N 226 
PHE CA  C    sing N N 227 
PHE CA  CB   sing N N 228 
PHE CA  HA   sing N N 229 
PHE C   O    doub N N 230 
PHE C   OXT  sing N N 231 
PHE CB  CG   sing N N 232 
PHE CB  HB2  sing N N 233 
PHE CB  HB3  sing N N 234 
PHE CG  CD1  doub Y N 235 
PHE CG  CD2  sing Y N 236 
PHE CD1 CE1  sing Y N 237 
PHE CD1 HD1  sing N N 238 
PHE CD2 CE2  doub Y N 239 
PHE CD2 HD2  sing N N 240 
PHE CE1 CZ   doub Y N 241 
PHE CE1 HE1  sing N N 242 
PHE CE2 CZ   sing Y N 243 
PHE CE2 HE2  sing N N 244 
PHE CZ  HZ   sing N N 245 
PHE OXT HXT  sing N N 246 
SER N   CA   sing N N 247 
SER N   H    sing N N 248 
SER N   H2   sing N N 249 
SER CA  C    sing N N 250 
SER CA  CB   sing N N 251 
SER CA  HA   sing N N 252 
SER C   O    doub N N 253 
SER C   OXT  sing N N 254 
SER CB  OG   sing N N 255 
SER CB  HB2  sing N N 256 
SER CB  HB3  sing N N 257 
SER OG  HG   sing N N 258 
SER OXT HXT  sing N N 259 
THR N   CA   sing N N 260 
THR N   H    sing N N 261 
THR N   H2   sing N N 262 
THR CA  C    sing N N 263 
THR CA  CB   sing N N 264 
THR CA  HA   sing N N 265 
THR C   O    doub N N 266 
THR C   OXT  sing N N 267 
THR CB  OG1  sing N N 268 
THR CB  CG2  sing N N 269 
THR CB  HB   sing N N 270 
THR OG1 HG1  sing N N 271 
THR CG2 HG21 sing N N 272 
THR CG2 HG22 sing N N 273 
THR CG2 HG23 sing N N 274 
THR OXT HXT  sing N N 275 
TYR N   CA   sing N N 276 
TYR N   H    sing N N 277 
TYR N   H2   sing N N 278 
TYR CA  C    sing N N 279 
TYR CA  CB   sing N N 280 
TYR CA  HA   sing N N 281 
TYR C   O    doub N N 282 
TYR C   OXT  sing N N 283 
TYR CB  CG   sing N N 284 
TYR CB  HB2  sing N N 285 
TYR CB  HB3  sing N N 286 
TYR CG  CD1  doub Y N 287 
TYR CG  CD2  sing Y N 288 
TYR CD1 CE1  sing Y N 289 
TYR CD1 HD1  sing N N 290 
TYR CD2 CE2  doub Y N 291 
TYR CD2 HD2  sing N N 292 
TYR CE1 CZ   doub Y N 293 
TYR CE1 HE1  sing N N 294 
TYR CE2 CZ   sing Y N 295 
TYR CE2 HE2  sing N N 296 
TYR CZ  OH   sing N N 297 
TYR OH  HH   sing N N 298 
TYR OXT HXT  sing N N 299 
VAL N   CA   sing N N 300 
VAL N   H    sing N N 301 
VAL N   H2   sing N N 302 
VAL CA  C    sing N N 303 
VAL CA  CB   sing N N 304 
VAL CA  HA   sing N N 305 
VAL C   O    doub N N 306 
VAL C   OXT  sing N N 307 
VAL CB  CG1  sing N N 308 
VAL CB  CG2  sing N N 309 
VAL CB  HB   sing N N 310 
VAL CG1 HG11 sing N N 311 
VAL CG1 HG12 sing N N 312 
VAL CG1 HG13 sing N N 313 
VAL CG2 HG21 sing N N 314 
VAL CG2 HG22 sing N N 315 
VAL CG2 HG23 sing N N 316 
VAL OXT HXT  sing N N 317 
# 
_atom_sites.entry_id                    4XO1 
_atom_sites.fract_transf_matrix[1][1]   0.02496555 
_atom_sites.fract_transf_matrix[1][2]   0.00800732 
_atom_sites.fract_transf_matrix[1][3]   0.00156668 
_atom_sites.fract_transf_matrix[2][1]   -0.00699747 
_atom_sites.fract_transf_matrix[2][2]   0.01972128 
_atom_sites.fract_transf_matrix[2][3]   0.01071132 
_atom_sites.fract_transf_matrix[3][1]   0.00122108 
_atom_sites.fract_transf_matrix[3][2]   -0.00619479 
_atom_sites.fract_transf_matrix[3][3]   0.01220332 
_atom_sites.fract_transf_vector[1]      0.026010 
_atom_sites.fract_transf_vector[2]      -0.195481 
_atom_sites.fract_transf_vector[3]      -0.224790 
# 
loop_
_atom_type.symbol 
C  
N  
O  
SE 
# 
loop_
_atom_site.group_PDB 
_atom_site.id 
_atom_site.type_symbol 
_atom_site.label_atom_id 
_atom_site.label_alt_id 
_atom_site.label_comp_id 
_atom_site.label_asym_id 
_atom_site.label_entity_id 
_atom_site.label_seq_id 
_atom_site.pdbx_PDB_ins_code 
_atom_site.Cartn_x 
_atom_site.Cartn_y 
_atom_site.Cartn_z 
_atom_site.occupancy 
_atom_site.B_iso_or_equiv 
_atom_site.pdbx_formal_charge 
_atom_site.auth_seq_id 
_atom_site.auth_comp_id 
_atom_site.auth_asym_id 
_atom_site.auth_atom_id 
_atom_site.pdbx_PDB_model_num 
HETATM 1   N  N   . MSE A 1 1  ? -16.448 -7.406  -18.794 1.00 48.88 ? 1   MSE A N   1 
HETATM 2   C  CA  . MSE A 1 1  ? -16.435 -7.096  -17.366 1.00 45.37 ? 1   MSE A CA  1 
HETATM 3   C  C   . MSE A 1 1  ? -16.734 -5.611  -17.175 1.00 46.17 ? 1   MSE A C   1 
HETATM 4   O  O   . MSE A 1 1  ? -16.236 -4.776  -17.937 1.00 41.06 ? 1   MSE A O   1 
HETATM 5   C  CB  . MSE A 1 1  ? -15.071 -7.458  -16.782 1.00 45.67 ? 1   MSE A CB  1 
HETATM 6   C  CG  . MSE A 1 1  ? -14.877 -7.028  -15.352 1.00 39.57 ? 1   MSE A CG  1 
HETATM 7   SE SE  . MSE A 1 1  ? -13.730 -8.251  -14.381 0.41 55.08 ? 1   MSE A SE  1 
HETATM 8   C  CE  . MSE A 1 1  ? -15.092 -8.995  -13.212 1.00 49.24 ? 1   MSE A CE  1 
ATOM   9   N  N   . ASN A 1 2  ? -17.560 -5.255  -16.191 1.00 34.27 ? 2   ASN A N   1 
ATOM   10  C  CA  . ASN A 1 2  ? -17.876 -3.836  -16.052 1.00 37.84 ? 2   ASN A CA  1 
ATOM   11  C  C   . ASN A 1 2  ? -16.888 -3.061  -15.181 1.00 36.56 ? 2   ASN A C   1 
ATOM   12  O  O   . ASN A 1 2  ? -15.975 -3.626  -14.572 1.00 32.36 ? 2   ASN A O   1 
ATOM   13  C  CB  . ASN A 1 2  ? -19.310 -3.614  -15.590 1.00 41.21 ? 2   ASN A CB  1 
ATOM   14  C  CG  . ASN A 1 2  ? -19.573 -4.230  -14.253 1.00 44.45 ? 2   ASN A CG  1 
ATOM   15  O  OD1 . ASN A 1 2  ? -19.351 -3.604  -13.217 1.00 45.87 ? 2   ASN A OD1 1 
ATOM   16  N  ND2 . ASN A 1 2  ? -20.034 -5.474  -14.258 1.00 51.97 ? 2   ASN A ND2 1 
ATOM   17  N  N   . ILE A 1 3  ? -17.071 -1.750  -15.154 1.00 33.87 ? 3   ILE A N   1 
ATOM   18  C  CA  . ILE A 1 3  ? -16.136 -0.849  -14.505 1.00 33.28 ? 3   ILE A CA  1 
ATOM   19  C  C   . ILE A 1 3  ? -16.116 -1.061  -12.974 1.00 35.52 ? 3   ILE A C   1 
ATOM   20  O  O   . ILE A 1 3  ? -15.042 -1.085  -12.346 1.00 31.77 ? 3   ILE A O   1 
ATOM   21  C  CB  . ILE A 1 3  ? -16.458 0.590   -14.934 1.00 37.37 ? 3   ILE A CB  1 
ATOM   22  C  CG1 . ILE A 1 3  ? -15.345 1.553   -14.555 1.00 39.03 ? 3   ILE A CG1 1 
ATOM   23  C  CG2 . ILE A 1 3  ? -17.813 1.031   -14.409 1.00 44.79 ? 3   ILE A CG2 1 
ATOM   24  C  CD1 . ILE A 1 3  ? -15.358 2.769   -15.423 1.00 39.37 ? 3   ILE A CD1 1 
ATOM   25  N  N   . GLU A 1 4  ? -17.298 -1.266  -12.393 1.00 34.84 ? 4   GLU A N   1 
ATOM   26  C  CA  . GLU A 1 4  ? -17.428 -1.571  -10.963 1.00 33.24 ? 4   GLU A CA  1 
ATOM   27  C  C   . GLU A 1 4  ? -16.666 -2.814  -10.549 1.00 34.42 ? 4   GLU A C   1 
ATOM   28  O  O   . GLU A 1 4  ? -15.946 -2.810  -9.539  1.00 34.50 ? 4   GLU A O   1 
ATOM   29  C  CB  . GLU A 1 4  ? -18.900 -1.730  -10.589 1.00 37.77 ? 4   GLU A CB  1 
ATOM   30  C  CG  . GLU A 1 4  ? -19.546 -0.447  -10.136 1.00 45.47 ? 4   GLU A CG  1 
ATOM   31  C  CD  . GLU A 1 4  ? -18.766 0.204   -9.013  1.00 52.23 ? 4   GLU A CD  1 
ATOM   32  O  OE1 . GLU A 1 4  ? -18.768 -0.337  -7.887  1.00 61.45 ? 4   GLU A OE1 1 
ATOM   33  O  OE2 . GLU A 1 4  ? -18.136 1.253   -9.260  1.00 60.63 ? 4   GLU A OE2 1 
ATOM   34  N  N   . GLU A 1 5  ? -16.833 -3.883  -11.318 1.00 31.72 ? 5   GLU A N   1 
ATOM   35  C  CA  . GLU A 1 5  ? -16.193 -5.145  -11.000 1.00 28.33 ? 5   GLU A CA  1 
ATOM   36  C  C   . GLU A 1 5  ? -14.673 -5.047  -11.133 1.00 31.03 ? 5   GLU A C   1 
ATOM   37  O  O   . GLU A 1 5  ? -13.936 -5.543  -10.274 1.00 31.13 ? 5   GLU A O   1 
ATOM   38  C  CB  . GLU A 1 5  ? -16.741 -6.264  -11.889 1.00 33.92 ? 5   GLU A CB  1 
ATOM   39  C  CG  . GLU A 1 5  ? -18.208 -6.614  -11.640 1.00 43.67 ? 5   GLU A CG  1 
ATOM   40  C  CD  . GLU A 1 5  ? -18.706 -7.749  -12.528 1.00 54.36 ? 5   GLU A CD  1 
ATOM   41  O  OE1 . GLU A 1 5  ? -18.084 -8.004  -13.587 1.00 62.39 ? 5   GLU A OE1 1 
ATOM   42  O  OE2 . GLU A 1 5  ? -19.726 -8.383  -12.169 1.00 62.94 ? 5   GLU A OE2 1 
ATOM   43  N  N   . LEU A 1 6  ? -14.205 -4.409  -12.205 1.00 27.75 ? 6   LEU A N   1 
ATOM   44  C  CA  . LEU A 1 6  ? -12.771 -4.144  -12.373 1.00 27.12 ? 6   LEU A CA  1 
ATOM   45  C  C   . LEU A 1 6  ? -12.198 -3.389  -11.176 1.00 25.80 ? 6   LEU A C   1 
ATOM   46  O  O   . LEU A 1 6  ? -11.129 -3.747  -10.637 1.00 26.09 ? 6   LEU A O   1 
ATOM   47  C  CB  . LEU A 1 6  ? -12.518 -3.330  -13.648 1.00 24.76 ? 6   LEU A CB  1 
ATOM   48  C  CG  . LEU A 1 6  ? -12.647 -4.148  -14.931 1.00 32.91 ? 6   LEU A CG  1 
ATOM   49  C  CD1 . LEU A 1 6  ? -12.448 -3.269  -16.158 1.00 27.78 ? 6   LEU A CD1 1 
ATOM   50  C  CD2 . LEU A 1 6  ? -11.632 -5.275  -14.911 1.00 32.54 ? 6   LEU A CD2 1 
ATOM   51  N  N   . LYS A 1 7  ? -12.920 -2.347  -10.766 1.00 25.69 ? 7   LYS A N   1 
ATOM   52  C  CA  . LYS A 1 7  ? -12.530 -1.544  -9.610  1.00 26.98 ? 7   LYS A CA  1 
ATOM   53  C  C   . LYS A 1 7  ? -12.423 -2.375  -8.342  1.00 29.83 ? 7   LYS A C   1 
ATOM   54  O  O   . LYS A 1 7  ? -11.412 -2.324  -7.639  1.00 26.26 ? 7   LYS A O   1 
ATOM   55  C  CB  . LYS A 1 7  ? -13.524 -0.397  -9.405  1.00 35.17 ? 7   LYS A CB  1 
ATOM   56  C  CG  . LYS A 1 7  ? -12.864 0.959   -9.202  1.00 42.36 ? 7   LYS A CG  1 
ATOM   57  C  CD  . LYS A 1 7  ? -13.787 2.103   -9.615  1.00 38.26 ? 7   LYS A CD  1 
ATOM   58  C  CE  . LYS A 1 7  ? -14.941 2.255   -8.640  1.00 45.55 ? 7   LYS A CE  1 
ATOM   59  N  NZ  . LYS A 1 7  ? -15.853 3.377   -9.028  1.00 48.48 ? 7   LYS A NZ  1 
ATOM   60  N  N   . LYS A 1 8  ? -13.458 -3.150  -8.041  1.00 30.33 ? 8   LYS A N   1 
ATOM   61  C  CA  . LYS A 1 8  ? -13.451 -3.908  -6.793  1.00 26.33 ? 8   LYS A CA  1 
ATOM   62  C  C   . LYS A 1 8  ? -12.328 -4.933  -6.794  1.00 28.54 ? 8   LYS A C   1 
ATOM   63  O  O   . LYS A 1 8  ? -11.648 -5.140  -5.784  1.00 25.45 ? 8   LYS A O   1 
ATOM   64  C  CB  . LYS A 1 8  ? -14.801 -4.581  -6.555  1.00 30.13 ? 8   LYS A CB  1 
ATOM   65  C  CG  . LYS A 1 8  ? -15.950 -3.590  -6.377  1.00 41.24 ? 8   LYS A CG  1 
ATOM   66  C  CD  . LYS A 1 8  ? -17.222 -4.312  -5.942  1.00 58.49 ? 8   LYS A CD  1 
ATOM   67  C  CE  . LYS A 1 8  ? -18.465 -3.502  -6.271  1.00 56.79 ? 8   LYS A CE  1 
ATOM   68  N  NZ  . LYS A 1 8  ? -19.686 -4.352  -6.184  1.00 66.09 ? 8   LYS A NZ  1 
ATOM   69  N  N   . GLN A 1 9  ? -12.138 -5.565  -7.945  1.00 25.06 ? 9   GLN A N   1 
ATOM   70  C  CA  . GLN A 1 9  ? -11.037 -6.499  -8.146  1.00 25.52 ? 9   GLN A CA  1 
ATOM   71  C  C   . GLN A 1 9  ? -9.657  -5.882  -7.848  1.00 28.40 ? 9   GLN A C   1 
ATOM   72  O  O   . GLN A 1 9  ? -8.852  -6.454  -7.086  1.00 26.15 ? 9   GLN A O   1 
ATOM   73  C  CB  . GLN A 1 9  ? -11.082 -6.946  -9.597  1.00 29.59 ? 9   GLN A CB  1 
ATOM   74  C  CG  . GLN A 1 9  ? -10.254 -8.131  -9.925  1.00 38.23 ? 9   GLN A CG  1 
ATOM   75  C  CD  . GLN A 1 9  ? -10.735 -8.763  -11.200 1.00 42.21 ? 9   GLN A CD  1 
ATOM   76  O  OE1 . GLN A 1 9  ? -10.329 -8.366  -12.304 1.00 38.95 ? 9   GLN A OE1 1 
ATOM   77  N  NE2 . GLN A 1 9  ? -11.636 -9.736  -11.068 1.00 37.55 ? 9   GLN A NE2 1 
ATOM   78  N  N   . ALA A 1 10 ? -9.376  -4.728  -8.458  1.00 26.14 ? 10  ALA A N   1 
ATOM   79  C  CA  . ALA A 1 10 ? -8.082  -4.079  -8.235  1.00 23.66 ? 10  ALA A CA  1 
ATOM   80  C  C   . ALA A 1 10 ? -7.914  -3.596  -6.799  1.00 22.69 ? 10  ALA A C   1 
ATOM   81  O  O   . ALA A 1 10 ? -6.816  -3.689  -6.222  1.00 26.38 ? 10  ALA A O   1 
ATOM   82  C  CB  . ALA A 1 10 ? -7.892  -2.941  -9.187  1.00 23.35 ? 10  ALA A CB  1 
ATOM   83  N  N   . GLU A 1 11 ? -9.000  -3.091  -6.214  1.00 21.61 ? 11  GLU A N   1 
ATOM   84  C  CA  . GLU A 1 11 ? -8.985  -2.715  -4.801  1.00 22.55 ? 11  GLU A CA  1 
ATOM   85  C  C   . GLU A 1 11 ? -8.602  -3.893  -3.914  1.00 23.42 ? 11  GLU A C   1 
ATOM   86  O  O   . GLU A 1 11 ? -7.770  -3.775  -2.987  1.00 21.85 ? 11  GLU A O   1 
ATOM   87  C  CB  . GLU A 1 11 ? -10.348 -2.152  -4.389  1.00 22.94 ? 11  GLU A CB  1 
ATOM   88  C  CG  . GLU A 1 11 ? -10.630 -0.796  -5.026  1.00 21.41 ? 11  GLU A CG  1 
ATOM   89  C  CD  . GLU A 1 11 ? -12.078 -0.387  -4.909  1.00 26.95 ? 11  GLU A CD  1 
ATOM   90  O  OE1 . GLU A 1 11 ? -12.866 -1.178  -4.327  1.00 28.96 ? 11  GLU A OE1 1 
ATOM   91  O  OE2 . GLU A 1 11 ? -12.430 0.723   -5.398  1.00 26.00 ? 11  GLU A OE2 1 
ATOM   92  N  N   . THR A 1 12 ? -9.209  -5.036  -4.186  1.00 24.14 ? 12  THR A N   1 
ATOM   93  C  CA  . THR A 1 12 ? -8.920  -6.209  -3.367  1.00 20.35 ? 12  THR A CA  1 
ATOM   94  C  C   . THR A 1 12 ? -7.486  -6.663  -3.574  1.00 22.44 ? 12  THR A C   1 
ATOM   95  O  O   . THR A 1 12 ? -6.808  -7.041  -2.615  1.00 24.01 ? 12  THR A O   1 
ATOM   96  C  CB  . THR A 1 12 ? -9.925  -7.338  -3.638  1.00 25.58 ? 12  THR A CB  1 
ATOM   97  O  OG1 . THR A 1 12 ? -11.207 -6.922  -3.158  1.00 31.51 ? 12  THR A OG1 1 
ATOM   98  C  CG2 . THR A 1 12 ? -9.513  -8.620  -2.929  1.00 26.81 ? 12  THR A CG2 1 
ATOM   99  N  N   . GLU A 1 13 ? -7.009  -6.598  -4.813  1.00 25.38 ? 13  GLU A N   1 
ATOM   100 C  CA  . GLU A 1 13 ? -5.644  -7.021  -5.111  1.00 22.91 ? 13  GLU A CA  1 
ATOM   101 C  C   . GLU A 1 13 ? -4.630  -6.150  -4.381  1.00 22.49 ? 13  GLU A C   1 
ATOM   102 O  O   . GLU A 1 13 ? -3.640  -6.647  -3.847  1.00 22.70 ? 13  GLU A O   1 
ATOM   103 C  CB  . GLU A 1 13 ? -5.390  -6.976  -6.623  1.00 25.50 ? 13  GLU A CB  1 
ATOM   104 C  CG  . GLU A 1 13 ? -5.986  -8.160  -7.383  1.00 29.18 ? 13  GLU A CG  1 
ATOM   105 C  CD  . GLU A 1 13 ? -5.969  -7.955  -8.891  1.00 39.70 ? 13  GLU A CD  1 
ATOM   106 O  OE1 . GLU A 1 13 ? -5.458  -6.905  -9.350  1.00 40.80 ? 13  GLU A OE1 1 
ATOM   107 O  OE2 . GLU A 1 13 ? -6.479  -8.835  -9.618  1.00 39.28 ? 13  GLU A OE2 1 
ATOM   108 N  N   . ILE A 1 14 ? -4.884  -4.846  -4.349  1.00 21.39 ? 14  ILE A N   1 
ATOM   109 C  CA  . ILE A 1 14 ? -3.967  -3.926  -3.689  1.00 19.74 ? 14  ILE A CA  1 
ATOM   110 C  C   . ILE A 1 14 ? -4.000  -4.121  -2.180  1.00 19.67 ? 14  ILE A C   1 
ATOM   111 O  O   . ILE A 1 14 ? -2.937  -4.185  -1.522  1.00 21.42 ? 14  ILE A O   1 
ATOM   112 C  CB  . ILE A 1 14 ? -4.302  -2.469  -4.039  1.00 23.99 ? 14  ILE A CB  1 
ATOM   113 C  CG1 . ILE A 1 14 ? -4.090  -2.254  -5.540  1.00 18.96 ? 14  ILE A CG1 1 
ATOM   114 C  CG2 . ILE A 1 14 ? -3.425  -1.513  -3.240  1.00 22.38 ? 14  ILE A CG2 1 
ATOM   115 C  CD1 . ILE A 1 14 ? -4.764  -0.992  -6.073  1.00 25.91 ? 14  ILE A CD1 1 
ATOM   116 N  N   . ALA A 1 15 ? -5.206  -4.233  -1.624  1.00 17.60 ? 15  ALA A N   1 
ATOM   117 C  CA  . ALA A 1 15 ? -5.328  -4.498  -0.187  1.00 21.89 ? 15  ALA A CA  1 
ATOM   118 C  C   . ALA A 1 15 ? -4.594  -5.775  0.216   1.00 23.49 ? 15  ALA A C   1 
ATOM   119 O  O   . ALA A 1 15 ? -3.914  -5.828  1.259   1.00 21.91 ? 15  ALA A O   1 
ATOM   120 C  CB  . ALA A 1 15 ? -6.782  -4.580  0.210   1.00 22.63 ? 15  ALA A CB  1 
ATOM   121 N  N   . ASP A 1 16 ? -4.734  -6.812  -0.603  1.00 21.98 ? 16  ASP A N   1 
ATOM   122 C  CA  . ASP A 1 16 ? -4.089  -8.095  -0.317  1.00 25.37 ? 16  ASP A CA  1 
ATOM   123 C  C   . ASP A 1 16 ? -2.559  -7.996  -0.441  1.00 22.11 ? 16  ASP A C   1 
ATOM   124 O  O   . ASP A 1 16 ? -1.814  -8.584  0.371   1.00 24.29 ? 16  ASP A O   1 
ATOM   125 C  CB  . ASP A 1 16 ? -4.618  -9.201  -1.248  1.00 23.89 ? 16  ASP A CB  1 
ATOM   126 C  CG  . ASP A 1 16 ? -6.048  -9.609  -0.941  1.00 24.89 ? 16  ASP A CG  1 
ATOM   127 O  OD1 . ASP A 1 16 ? -6.624  -9.159  0.069   1.00 27.10 ? 16  ASP A OD1 1 
ATOM   128 O  OD2 . ASP A 1 16 ? -6.602  -10.410 -1.726  1.00 31.56 ? 16  ASP A OD2 1 
ATOM   129 N  N   . PHE A 1 17 ? -2.087  -7.262  -1.443  1.00 18.33 ? 17  PHE A N   1 
ATOM   130 C  CA  . PHE A 1 17 ? -0.639  -7.088  -1.621  1.00 21.74 ? 17  PHE A CA  1 
ATOM   131 C  C   . PHE A 1 17 ? -0.029  -6.365  -0.420  1.00 19.50 ? 17  PHE A C   1 
ATOM   132 O  O   . PHE A 1 17 ? 1.000   -6.792  0.133   1.00 21.76 ? 17  PHE A O   1 
ATOM   133 C  CB  . PHE A 1 17 ? -0.330  -6.323  -2.908  1.00 19.91 ? 17  PHE A CB  1 
ATOM   134 C  CG  . PHE A 1 17 ? 1.133   -6.287  -3.254  1.00 19.64 ? 17  PHE A CG  1 
ATOM   135 C  CD1 . PHE A 1 17 ? 1.720   -7.342  -3.934  1.00 24.58 ? 17  PHE A CD1 1 
ATOM   136 C  CD2 . PHE A 1 17 ? 1.928   -5.210  -2.880  1.00 20.92 ? 17  PHE A CD2 1 
ATOM   137 C  CE1 . PHE A 1 17 ? 3.083   -7.319  -4.251  1.00 27.82 ? 17  PHE A CE1 1 
ATOM   138 C  CE2 . PHE A 1 17 ? 3.288   -5.171  -3.197  1.00 23.17 ? 17  PHE A CE2 1 
ATOM   139 C  CZ  . PHE A 1 17 ? 3.864   -6.231  -3.887  1.00 26.30 ? 17  PHE A CZ  1 
ATOM   140 N  N   . ILE A 1 18 ? -0.671  -5.265  -0.025  1.00 20.74 ? 18  ILE A N   1 
ATOM   141 C  CA  . ILE A 1 18 ? -0.253  -4.524  1.166   1.00 18.66 ? 18  ILE A CA  1 
ATOM   142 C  C   . ILE A 1 18 ? -0.286  -5.403  2.418   1.00 20.48 ? 18  ILE A C   1 
ATOM   143 O  O   . ILE A 1 18 ? 0.639   -5.367  3.246   1.00 22.12 ? 18  ILE A O   1 
ATOM   144 C  CB  . ILE A 1 18 ? -1.126  -3.270  1.356   1.00 18.72 ? 18  ILE A CB  1 
ATOM   145 C  CG1 . ILE A 1 18 ? -0.851  -2.281  0.229   1.00 15.90 ? 18  ILE A CG1 1 
ATOM   146 C  CG2 . ILE A 1 18 ? -0.811  -2.576  2.660   1.00 19.29 ? 18  ILE A CG2 1 
ATOM   147 C  CD1 . ILE A 1 18 ? -1.773  -1.094  0.266   1.00 19.60 ? 18  ILE A CD1 1 
ATOM   148 N  N   . ALA A 1 19 ? -1.330  -6.213  2.564   1.00 20.58 ? 19  ALA A N   1 
ATOM   149 C  CA  . ALA A 1 19 ? -1.404  -7.094  3.741   1.00 24.51 ? 19  ALA A CA  1 
ATOM   150 C  C   . ALA A 1 19 ? -0.230  -8.076  3.781   1.00 20.39 ? 19  ALA A C   1 
ATOM   151 O  O   . ALA A 1 19 ? 0.441   -8.231  4.819   1.00 18.86 ? 19  ALA A O   1 
ATOM   152 C  CB  . ALA A 1 19 ? -2.717  -7.821  3.785   1.00 22.99 ? 19  ALA A CB  1 
ATOM   153 N  N   . GLN A 1 20 ? 0.051   -8.708  2.645   1.00 20.00 ? 20  GLN A N   1 
ATOM   154 C  CA  . GLN A 1 20 ? 1.231   -9.577  2.555   1.00 21.03 ? 20  GLN A CA  1 
ATOM   155 C  C   . GLN A 1 20 ? 2.537   -8.842  2.903   1.00 23.13 ? 20  GLN A C   1 
ATOM   156 O  O   . GLN A 1 20 ? 3.368   -9.359  3.670   1.00 25.37 ? 20  GLN A O   1 
ATOM   157 C  CB  . GLN A 1 20 ? 1.313   -10.228 1.172   1.00 26.13 ? 20  GLN A CB  1 
ATOM   158 C  CG  . GLN A 1 20 ? 2.424   -11.264 1.011   1.00 32.88 ? 20  GLN A CG  1 
ATOM   159 C  CD  . GLN A 1 20 ? 2.954   -11.315 -0.418  1.00 40.62 ? 20  GLN A CD  1 
ATOM   160 O  OE1 . GLN A 1 20 ? 2.198   -11.533 -1.367  0.25 37.19 ? 20  GLN A OE1 1 
ATOM   161 N  NE2 . GLN A 1 20 ? 4.256   -11.098 -0.575  0.36 37.74 ? 20  GLN A NE2 1 
ATOM   162 N  N   . LYS A 1 21 ? 2.719   -7.638  2.362   1.00 23.19 ? 21  LYS A N   1 
ATOM   163 C  CA  . LYS A 1 21 ? 3.922   -6.860  2.668   1.00 21.94 ? 21  LYS A CA  1 
ATOM   164 C  C   . LYS A 1 21 ? 4.059   -6.548  4.163   1.00 21.11 ? 21  LYS A C   1 
ATOM   165 O  O   . LYS A 1 21 ? 5.167   -6.597  4.724   1.00 22.06 ? 21  LYS A O   1 
ATOM   166 C  CB  . LYS A 1 21 ? 3.944   -5.564  1.865   1.00 21.68 ? 21  LYS A CB  1 
ATOM   167 C  CG  . LYS A 1 21 ? 4.269   -5.762  0.412   1.00 22.20 ? 21  LYS A CG  1 
ATOM   168 C  CD  . LYS A 1 21 ? 5.628   -6.417  0.235   1.00 29.90 ? 21  LYS A CD  1 
ATOM   169 C  CE  . LYS A 1 21 ? 5.492   -7.711  -0.544  1.00 35.64 ? 21  LYS A CE  1 
ATOM   170 N  NZ  . LYS A 1 21 ? 6.811   -8.184  -1.039  1.00 37.82 ? 21  LYS A NZ  1 
ATOM   171 N  N   . ILE A 1 22 ? 2.942   -6.216  4.807   1.00 19.41 ? 22  ILE A N   1 
ATOM   172 C  CA  . ILE A 1 22 ? 2.963   -5.942  6.250   1.00 18.36 ? 22  ILE A CA  1 
ATOM   173 C  C   . ILE A 1 22 ? 3.304   -7.193  7.053   1.00 23.46 ? 22  ILE A C   1 
ATOM   174 O  O   . ILE A 1 22 ? 4.129   -7.140  7.979   1.00 23.64 ? 22  ILE A O   1 
ATOM   175 C  CB  . ILE A 1 22 ? 1.621   -5.340  6.730   1.00 21.88 ? 22  ILE A CB  1 
ATOM   176 C  CG1 . ILE A 1 22 ? 1.499   -3.886  6.242   1.00 20.32 ? 22  ILE A CG1 1 
ATOM   177 C  CG2 . ILE A 1 22 ? 1.502   -5.392  8.261   1.00 23.01 ? 22  ILE A CG2 1 
ATOM   178 C  CD1 . ILE A 1 22 ? 0.128   -3.295  6.464   1.00 17.80 ? 22  ILE A CD1 1 
ATOM   179 N  N   . ALA A 1 23 ? 2.675   -8.320  6.711   1.00 23.53 ? 23  ALA A N   1 
ATOM   180 C  CA  . ALA A 1 23 ? 2.957   -9.589  7.402   1.00 24.40 ? 23  ALA A CA  1 
ATOM   181 C  C   . ALA A 1 23 ? 4.441   -9.950  7.286   1.00 27.91 ? 23  ALA A C   1 
ATOM   182 O  O   . ALA A 1 23 ? 5.100   -10.355 8.260   1.00 27.72 ? 23  ALA A O   1 
ATOM   183 C  CB  . ALA A 1 23 ? 2.094   -10.705 6.822   1.00 22.85 ? 23  ALA A CB  1 
ATOM   184 N  N   . GLU A 1 24 ? 4.953   -9.771  6.075   1.00 27.30 ? 24  GLU A N   1 
ATOM   185 C  CA  . GLU A 1 24 ? 6.346   -10.020 5.731   1.00 27.86 ? 24  GLU A CA  1 
ATOM   186 C  C   . GLU A 1 24 ? 7.278   -9.142  6.569   1.00 25.81 ? 24  GLU A C   1 
ATOM   187 O  O   . GLU A 1 24 ? 8.250   -9.627  7.157   1.00 26.97 ? 24  GLU A O   1 
ATOM   188 C  CB  . GLU A 1 24 ? 6.507   -9.659  4.267   1.00 30.22 ? 24  GLU A CB  1 
ATOM   189 C  CG  . GLU A 1 24 ? 7.423   -10.498 3.430   1.00 40.38 ? 24  GLU A CG  1 
ATOM   190 C  CD  . GLU A 1 24 ? 7.399   -10.012 1.984   1.00 43.37 ? 24  GLU A CD  1 
ATOM   191 O  OE1 . GLU A 1 24 ? 8.046   -8.979  1.690   1.00 41.88 ? 24  GLU A OE1 1 
ATOM   192 O  OE2 . GLU A 1 24 ? 6.702   -10.634 1.150   1.00 47.74 ? 24  GLU A OE2 1 
HETATM 193 N  N   . MSE A 1 25 ? 6.979   -7.846  6.614   1.00 22.99 ? 25  MSE A N   1 
HETATM 194 C  CA  . MSE A 1 25 ? 7.827   -6.870  7.294   1.00 22.63 ? 25  MSE A CA  1 
HETATM 195 C  C   . MSE A 1 25 ? 7.870   -7.164  8.789   1.00 25.36 ? 25  MSE A C   1 
HETATM 196 O  O   . MSE A 1 25 ? 8.941   -7.135  9.430   1.00 21.88 ? 25  MSE A O   1 
HETATM 197 C  CB  . MSE A 1 25 ? 7.272   -5.464  7.066   1.00 28.00 ? 25  MSE A CB  1 
HETATM 198 C  CG  . MSE A 1 25 ? 8.047   -4.362  7.764   1.00 29.86 ? 25  MSE A CG  1 
HETATM 199 SE SE  . MSE A 1 25 ? 9.787   -4.047  6.943   0.62 44.76 ? 25  MSE A SE  1 
HETATM 200 C  CE  . MSE A 1 25 ? 9.199   -3.748  5.158   1.00 27.13 ? 25  MSE A CE  1 
ATOM   201 N  N   . ASN A 1 26 ? 6.688   -7.431  9.333   1.00 22.30 ? 26  ASN A N   1 
ATOM   202 C  CA  . ASN A 1 26 ? 6.565   -7.727  10.752  1.00 22.36 ? 26  ASN A CA  1 
ATOM   203 C  C   . ASN A 1 26 ? 7.396   -8.959  11.077  1.00 26.35 ? 26  ASN A C   1 
ATOM   204 O  O   . ASN A 1 26 ? 8.175   -8.953  12.037  1.00 26.48 ? 26  ASN A O   1 
ATOM   205 C  CB  . ASN A 1 26 ? 5.097   -7.942  11.135  1.00 22.60 ? 26  ASN A CB  1 
ATOM   206 C  CG  . ASN A 1 26 ? 4.296   -6.639  11.171  1.00 23.58 ? 26  ASN A CG  1 
ATOM   207 O  OD1 . ASN A 1 26 ? 4.853   -5.546  11.052  1.00 25.48 ? 26  ASN A OD1 1 
ATOM   208 N  ND2 . ASN A 1 26 ? 2.985   -6.756  11.357  1.00 27.05 ? 26  ASN A ND2 1 
ATOM   209 N  N   . LYS A 1 27 ? 7.240   -10.004 10.263  1.00 25.40 ? 27  LYS A N   1 
ATOM   210 C  CA  . LYS A 1 27 ? 8.031   -11.230 10.431  1.00 26.14 ? 27  LYS A CA  1 
ATOM   211 C  C   . LYS A 1 27 ? 9.549   -10.993 10.382  1.00 31.27 ? 27  LYS A C   1 
ATOM   212 O  O   . LYS A 1 27 ? 10.304  -11.434 11.265  1.00 26.96 ? 27  LYS A O   1 
ATOM   213 C  CB  . LYS A 1 27 ? 7.634   -12.253 9.368   1.00 28.23 ? 27  LYS A CB  1 
ATOM   214 C  CG  . LYS A 1 27 ? 8.443   -13.551 9.411   1.00 35.82 ? 27  LYS A CG  1 
ATOM   215 C  CD  . LYS A 1 27 ? 8.206   -14.318 10.701  1.00 44.86 ? 27  LYS A CD  1 
ATOM   216 N  N   . ASN A 1 28 ? 9.992   -10.292 9.345   1.00 25.18 ? 28  ASN A N   1 
ATOM   217 C  CA  . ASN A 1 28 ? 11.413  -10.084 9.089   1.00 28.39 ? 28  ASN A CA  1 
ATOM   218 C  C   . ASN A 1 28 ? 12.128  -9.173  10.078  1.00 25.35 ? 28  ASN A C   1 
ATOM   219 O  O   . ASN A 1 28 ? 13.332  -9.332  10.306  1.00 23.93 ? 28  ASN A O   1 
ATOM   220 C  CB  . ASN A 1 28 ? 11.628  -9.559  7.668   1.00 25.96 ? 28  ASN A CB  1 
ATOM   221 C  CG  . ASN A 1 28 ? 11.182  -10.546 6.617   1.00 28.15 ? 28  ASN A CG  1 
ATOM   222 O  OD1 . ASN A 1 28 ? 11.135  -11.753 6.862   1.00 31.10 ? 28  ASN A OD1 1 
ATOM   223 N  ND2 . ASN A 1 28 ? 10.851  -10.038 5.429   1.00 28.03 ? 28  ASN A ND2 1 
ATOM   224 N  N   . THR A 1 29 ? 11.399  -8.220  10.654  1.00 22.65 ? 29  THR A N   1 
ATOM   225 C  CA  . THR A 1 29 ? 12.012  -7.267  11.576  1.00 26.15 ? 29  THR A CA  1 
ATOM   226 C  C   . THR A 1 29 ? 11.799  -7.625  13.053  1.00 29.65 ? 29  THR A C   1 
ATOM   227 O  O   . THR A 1 29 ? 12.528  -7.147  13.933  1.00 28.89 ? 29  THR A O   1 
ATOM   228 C  CB  . THR A 1 29 ? 11.472  -5.846  11.341  1.00 28.36 ? 29  THR A CB  1 
ATOM   229 O  OG1 . THR A 1 29 ? 10.057  -5.837  11.571  1.00 28.28 ? 29  THR A OG1 1 
ATOM   230 C  CG2 . THR A 1 29 ? 11.765  -5.405  9.926   1.00 25.72 ? 29  THR A CG2 1 
ATOM   231 N  N   . GLY A 1 30 ? 10.792  -8.449  13.326  1.00 26.09 ? 30  GLY A N   1 
ATOM   232 C  CA  . GLY A 1 30 ? 10.405  -8.726  14.697  1.00 29.77 ? 30  GLY A CA  1 
ATOM   233 C  C   . GLY A 1 30 ? 9.689   -7.539  15.316  1.00 30.88 ? 30  GLY A C   1 
ATOM   234 O  O   . GLY A 1 30 ? 9.441   -7.495  16.530  1.00 28.75 ? 30  GLY A O   1 
ATOM   235 N  N   . LYS A 1 31 ? 9.344   -6.566  14.480  1.00 26.35 ? 31  LYS A N   1 
ATOM   236 C  CA  . LYS A 1 31 ? 8.710   -5.352  14.963  1.00 28.47 ? 31  LYS A CA  1 
ATOM   237 C  C   . LYS A 1 31 ? 7.314   -5.197  14.367  1.00 29.05 ? 31  LYS A C   1 
ATOM   238 O  O   . LYS A 1 31 ? 6.743   -6.169  13.870  1.00 30.20 ? 31  LYS A O   1 
ATOM   239 C  CB  . LYS A 1 31 ? 9.597   -4.148  14.667  1.00 32.14 ? 31  LYS A CB  1 
ATOM   240 C  CG  . LYS A 1 31 ? 10.945  -4.214  15.377  1.00 35.34 ? 31  LYS A CG  1 
ATOM   241 C  CD  . LYS A 1 31 ? 11.838  -3.059  14.967  1.00 38.70 ? 31  LYS A CD  1 
ATOM   242 C  CE  . LYS A 1 31 ? 13.064  -2.961  15.852  1.00 46.11 ? 31  LYS A CE  1 
ATOM   243 N  NZ  . LYS A 1 31 ? 13.422  -4.270  16.447  1.00 40.23 ? 31  LYS A NZ  1 
ATOM   244 N  N   . GLU A 1 32 ? 6.761   -3.991  14.430  1.00 26.64 ? 32  GLU A N   1 
ATOM   245 C  CA  . GLU A 1 32 ? 5.393   -3.777  13.973  1.00 28.43 ? 32  GLU A CA  1 
ATOM   246 C  C   . GLU A 1 32 ? 5.220   -2.531  13.110  1.00 26.91 ? 32  GLU A C   1 
ATOM   247 O  O   . GLU A 1 32 ? 5.590   -1.418  13.517  1.00 29.70 ? 32  GLU A O   1 
ATOM   248 C  CB  . GLU A 1 32 ? 4.449   -3.699  15.162  1.00 32.48 ? 32  GLU A CB  1 
ATOM   249 C  CG  . GLU A 1 32 ? 3.460   -4.827  15.189  1.00 39.95 ? 32  GLU A CG  1 
ATOM   250 C  CD  . GLU A 1 32 ? 3.137   -5.288  16.594  1.00 46.88 ? 32  GLU A CD  1 
ATOM   251 O  OE1 . GLU A 1 32 ? 2.746   -4.440  17.427  1.00 52.45 ? 32  GLU A OE1 1 
ATOM   252 O  OE2 . GLU A 1 32 ? 3.276   -6.503  16.856  1.00 49.55 ? 32  GLU A OE2 1 
ATOM   253 N  N   . VAL A 1 33 ? 4.666   -2.728  11.913  1.00 22.34 ? 33  VAL A N   1 
ATOM   254 C  CA  . VAL A 1 33 ? 4.289   -1.607  11.065  1.00 18.81 ? 33  VAL A CA  1 
ATOM   255 C  C   . VAL A 1 33 ? 3.081   -0.951  11.703  1.00 24.38 ? 33  VAL A C   1 
ATOM   256 O  O   . VAL A 1 33 ? 2.089   -1.628  12.004  1.00 22.80 ? 33  VAL A O   1 
ATOM   257 C  CB  . VAL A 1 33 ? 3.917   -2.065  9.644   1.00 19.75 ? 33  VAL A CB  1 
ATOM   258 C  CG1 . VAL A 1 33 ? 3.418   -0.882  8.812   1.00 22.31 ? 33  VAL A CG1 1 
ATOM   259 C  CG2 . VAL A 1 33 ? 5.116   -2.724  8.982   1.00 21.37 ? 33  VAL A CG2 1 
ATOM   260 N  N   . SER A 1 34 ? 3.163   0.357   11.929  1.00 22.80 ? 34  SER A N   1 
ATOM   261 C  CA  . SER A 1 34 ? 2.078   1.072   12.589  1.00 26.65 ? 34  SER A CA  1 
ATOM   262 C  C   . SER A 1 34 ? 1.208   1.830   11.607  1.00 25.59 ? 34  SER A C   1 
ATOM   263 O  O   . SER A 1 34 ? 0.022   2.049   11.867  1.00 24.69 ? 34  SER A O   1 
ATOM   264 C  CB  . SER A 1 34 ? 2.626   2.047   13.622  1.00 25.51 ? 34  SER A CB  1 
ATOM   265 O  OG  . SER A 1 34 ? 3.510   2.980   13.030  1.00 32.67 ? 34  SER A OG  1 
ATOM   266 N  N   . GLU A 1 35 ? 1.802   2.226   10.481  1.00 23.81 ? 35  GLU A N   1 
ATOM   267 C  CA  . GLU A 1 35 ? 1.142   3.125   9.544   1.00 24.84 ? 35  GLU A CA  1 
ATOM   268 C  C   . GLU A 1 35 ? 1.903   3.113   8.218   1.00 20.26 ? 35  GLU A C   1 
ATOM   269 O  O   . GLU A 1 35 ? 3.104   2.817   8.191   1.00 20.83 ? 35  GLU A O   1 
ATOM   270 C  CB  . GLU A 1 35 ? 1.161   4.530   10.155  1.00 25.66 ? 35  GLU A CB  1 
ATOM   271 C  CG  . GLU A 1 35 ? 0.595   5.645   9.323   1.00 35.96 ? 35  GLU A CG  1 
ATOM   272 C  CD  . GLU A 1 35 ? 0.796   6.981   10.008  1.00 36.41 ? 35  GLU A CD  1 
ATOM   273 O  OE1 . GLU A 1 35 ? 1.360   6.978   11.129  1.00 40.45 ? 35  GLU A OE1 1 
ATOM   274 O  OE2 . GLU A 1 35 ? 0.392   8.016   9.439   1.00 48.54 ? 35  GLU A OE2 1 
HETATM 275 N  N   . MSE A 1 36 ? 1.203   3.390   7.121   1.00 20.58 ? 36  MSE A N   1 
HETATM 276 C  CA  . MSE A 1 36 ? 1.865   3.750   5.882   1.00 19.63 ? 36  MSE A CA  1 
HETATM 277 C  C   . MSE A 1 36 ? 1.259   5.040   5.392   1.00 22.02 ? 36  MSE A C   1 
HETATM 278 O  O   . MSE A 1 36 ? 0.038   5.227   5.485   1.00 26.77 ? 36  MSE A O   1 
HETATM 279 C  CB  . MSE A 1 36 ? 1.653   2.691   4.809   1.00 26.06 ? 36  MSE A CB  1 
HETATM 280 C  CG  . MSE A 1 36 ? 2.339   1.384   5.101   1.00 23.72 ? 36  MSE A CG  1 
HETATM 281 SE SE  . MSE A 1 36 ? 1.748   0.108   3.769   0.59 29.20 ? 36  MSE A SE  1 
HETATM 282 C  CE  . MSE A 1 36 ? 2.927   -1.352  4.244   1.00 24.32 ? 36  MSE A CE  1 
ATOM   283 N  N   . ARG A 1 37 ? 2.117   5.924   4.893   1.00 22.19 ? 37  ARG A N   1 
ATOM   284 C  CA  . ARG A 1 37 ? 1.709   7.177   4.269   1.00 23.00 ? 37  ARG A CA  1 
ATOM   285 C  C   . ARG A 1 37 ? 1.700   6.953   2.779   1.00 21.21 ? 37  ARG A C   1 
ATOM   286 O  O   . ARG A 1 37 ? 2.670   6.420   2.248   1.00 23.97 ? 37  ARG A O   1 
ATOM   287 C  CB  . ARG A 1 37 ? 2.777   8.232   4.506   1.00 28.50 ? 37  ARG A CB  1 
ATOM   288 C  CG  . ARG A 1 37 ? 2.750   8.863   5.846   1.00 43.83 ? 37  ARG A CG  1 
ATOM   289 C  CD  . ARG A 1 37 ? 2.023   10.186  5.779   1.00 48.88 ? 37  ARG A CD  1 
ATOM   290 N  NE  . ARG A 1 37 ? 2.534   11.093  6.798   1.00 52.84 ? 37  ARG A NE  1 
ATOM   291 C  CZ  . ARG A 1 37 ? 2.377   10.906  8.104   1.00 51.91 ? 37  ARG A CZ  1 
ATOM   292 N  NH1 . ARG A 1 37 ? 1.724   9.840   8.559   1.00 50.06 ? 37  ARG A NH1 1 
ATOM   293 N  NH2 . ARG A 1 37 ? 2.876   11.784  8.961   1.00 56.11 ? 37  ARG A NH2 1 
ATOM   294 N  N   . PHE A 1 38 ? 0.643   7.389   2.106   1.00 22.59 ? 38  PHE A N   1 
ATOM   295 C  CA  . PHE A 1 38 ? 0.576   7.294   0.648   1.00 20.56 ? 38  PHE A CA  1 
ATOM   296 C  C   . PHE A 1 38 ? 0.531   8.702   0.069   1.00 24.48 ? 38  PHE A C   1 
ATOM   297 O  O   . PHE A 1 38 ? -0.330  9.495   0.454   1.00 26.69 ? 38  PHE A O   1 
ATOM   298 C  CB  . PHE A 1 38 ? -0.689  6.550   0.242   1.00 22.60 ? 38  PHE A CB  1 
ATOM   299 C  CG  . PHE A 1 38 ? -0.748  5.130   0.754   1.00 19.95 ? 38  PHE A CG  1 
ATOM   300 C  CD1 . PHE A 1 38 ? -1.314  4.835   1.982   1.00 22.14 ? 38  PHE A CD1 1 
ATOM   301 C  CD2 . PHE A 1 38 ? -0.235  4.096   -0.015  1.00 18.51 ? 38  PHE A CD2 1 
ATOM   302 C  CE1 . PHE A 1 38 ? -1.355  3.512   2.448   1.00 22.98 ? 38  PHE A CE1 1 
ATOM   303 C  CE2 . PHE A 1 38 ? -0.269  2.783   0.432   1.00 20.28 ? 38  PHE A CE2 1 
ATOM   304 C  CZ  . PHE A 1 38 ? -0.834  2.491   1.666   1.00 22.31 ? 38  PHE A CZ  1 
ATOM   305 N  N   . THR A 1 39 ? 1.437   9.003   -0.856  1.00 22.48 ? 39  THR A N   1 
ATOM   306 C  CA  . THR A 1 39 ? 1.533   10.343  -1.440  1.00 23.32 ? 39  THR A CA  1 
ATOM   307 C  C   . THR A 1 39 ? 1.404   10.183  -2.937  1.00 22.85 ? 39  THR A C   1 
ATOM   308 O  O   . THR A 1 39 ? 2.214   9.473   -3.539  1.00 21.22 ? 39  THR A O   1 
ATOM   309 C  CB  . THR A 1 39 ? 2.897   10.967  -1.151  1.00 25.78 ? 39  THR A CB  1 
ATOM   310 O  OG1 . THR A 1 39 ? 3.054   11.117  0.265   1.00 26.17 ? 39  THR A OG1 1 
ATOM   311 C  CG2 . THR A 1 39 ? 3.027   12.343  -1.815  1.00 26.31 ? 39  THR A CG2 1 
ATOM   312 N  N   . ALA A 1 40 ? 0.406   10.839  -3.531  1.00 26.99 ? 40  ALA A N   1 
ATOM   313 C  CA  . ALA A 1 40 ? 0.145   10.694  -4.959  1.00 23.84 ? 40  ALA A CA  1 
ATOM   314 C  C   . ALA A 1 40 ? 1.374   11.049  -5.775  1.00 24.28 ? 40  ALA A C   1 
ATOM   315 O  O   . ALA A 1 40 ? 2.082   12.025  -5.480  1.00 20.81 ? 40  ALA A O   1 
ATOM   316 C  CB  . ALA A 1 40 ? -1.032  11.538  -5.384  1.00 25.42 ? 40  ALA A CB  1 
ATOM   317 N  N   . ARG A 1 41 ? 1.634   10.241  -6.800  1.00 23.58 ? 41  ARG A N   1 
ATOM   318 C  CA  . ARG A 1 41 ? 2.698   10.534  -7.744  1.00 24.44 ? 41  ARG A CA  1 
ATOM   319 C  C   . ARG A 1 41 ? 1.996   10.894  -9.041  1.00 22.88 ? 41  ARG A C   1 
ATOM   320 O  O   . ARG A 1 41 ? 1.560   10.018  -9.787  1.00 23.73 ? 41  ARG A O   1 
ATOM   321 C  CB  . ARG A 1 41 ? 3.595   9.316   -7.956  1.00 23.53 ? 41  ARG A CB  1 
ATOM   322 C  CG  . ARG A 1 41 ? 4.807   9.588   -8.863  1.00 24.32 ? 41  ARG A CG  1 
ATOM   323 C  CD  . ARG A 1 41 ? 5.397   8.298   -9.389  1.00 29.77 ? 41  ARG A CD  1 
ATOM   324 N  NE  . ARG A 1 41 ? 5.783   7.403   -8.305  1.00 33.54 ? 41  ARG A NE  1 
ATOM   325 C  CZ  . ARG A 1 41 ? 6.035   6.104   -8.448  1.00 33.89 ? 41  ARG A CZ  1 
ATOM   326 N  NH1 . ARG A 1 41 ? 5.943   5.532   -9.642  1.00 32.69 ? 41  ARG A NH1 1 
ATOM   327 N  NH2 . ARG A 1 41 ? 6.379   5.378   -7.388  1.00 29.69 ? 41  ARG A NH2 1 
ATOM   328 N  N   . GLU A 1 42 ? 1.856   12.181  -9.305  1.00 23.76 ? 42  GLU A N   1 
ATOM   329 C  CA  . GLU A 1 42 ? 1.046   12.577  -10.440 1.00 21.65 ? 42  GLU A CA  1 
ATOM   330 C  C   . GLU A 1 42 ? 1.920   13.184  -11.536 1.00 23.43 ? 42  GLU A C   1 
ATOM   331 O  O   . GLU A 1 42 ? 2.950   13.796  -11.246 1.00 22.73 ? 42  GLU A O   1 
ATOM   332 C  CB  . GLU A 1 42 ? -0.068  13.528  -9.985  1.00 30.88 ? 42  GLU A CB  1 
ATOM   333 C  CG  . GLU A 1 42 ? -1.310  13.477  -10.883 1.00 38.66 ? 42  GLU A CG  1 
ATOM   334 C  CD  . GLU A 1 42 ? -2.612  13.501  -10.102 1.00 42.53 ? 42  GLU A CD  1 
ATOM   335 O  OE1 . GLU A 1 42 ? -2.565  13.697  -8.862  1.00 41.75 ? 42  GLU A OE1 1 
ATOM   336 O  OE2 . GLU A 1 42 ? -3.680  13.324  -10.734 1.00 47.28 ? 42  GLU A OE2 1 
ATOM   337 N  N   . LYS A 1 43 ? 1.514   12.984  -12.789 1.00 23.59 ? 43  LYS A N   1 
ATOM   338 C  CA  . LYS A 1 43 ? 2.234   13.512  -13.947 1.00 21.79 ? 43  LYS A CA  1 
ATOM   339 C  C   . LYS A 1 43 ? 1.228   14.313  -14.758 1.00 23.94 ? 43  LYS A C   1 
ATOM   340 O  O   . LYS A 1 43 ? 0.034   14.276  -14.465 1.00 22.93 ? 43  LYS A O   1 
ATOM   341 C  CB  . LYS A 1 43 ? 2.763   12.355  -14.803 1.00 24.65 ? 43  LYS A CB  1 
ATOM   342 C  CG  . LYS A 1 43 ? 3.651   11.360  -14.063 1.00 26.03 ? 43  LYS A CG  1 
ATOM   343 C  CD  . LYS A 1 43 ? 4.852   12.066  -13.443 1.00 26.01 ? 43  LYS A CD  1 
ATOM   344 C  CE  . LYS A 1 43 ? 5.795   11.078  -12.738 1.00 24.28 ? 43  LYS A CE  1 
ATOM   345 N  NZ  . LYS A 1 43 ? 6.987   11.787  -12.175 1.00 29.15 ? 43  LYS A NZ  1 
HETATM 346 N  N   A MSE A 1 44 ? 1.687   15.017  -15.792 0.48 26.64 ? 44  MSE A N   1 
HETATM 347 N  N   B MSE A 1 44 ? 1.686   15.033  -15.782 0.52 26.64 ? 44  MSE A N   1 
HETATM 348 C  CA  A MSE A 1 44 ? 0.758   15.748  -16.641 0.48 25.88 ? 44  MSE A CA  1 
HETATM 349 C  CA  B MSE A 1 44 ? 0.742   15.755  -16.624 0.52 25.89 ? 44  MSE A CA  1 
HETATM 350 C  C   A MSE A 1 44 ? -0.202  14.788  -17.332 0.48 27.12 ? 44  MSE A C   1 
HETATM 351 C  C   B MSE A 1 44 ? -0.202  14.790  -17.336 0.52 27.12 ? 44  MSE A C   1 
HETATM 352 O  O   A MSE A 1 44 ? -1.352  15.133  -17.616 0.48 31.44 ? 44  MSE A O   1 
HETATM 353 O  O   B MSE A 1 44 ? -1.353  15.131  -17.621 0.52 31.46 ? 44  MSE A O   1 
HETATM 354 C  CB  A MSE A 1 44 ? 1.504   16.585  -17.681 0.48 26.47 ? 44  MSE A CB  1 
HETATM 355 C  CB  B MSE A 1 44 ? 1.468   16.675  -17.612 0.52 26.57 ? 44  MSE A CB  1 
HETATM 356 C  CG  A MSE A 1 44 ? 0.599   17.556  -18.410 0.48 32.05 ? 44  MSE A CG  1 
HETATM 357 C  CG  B MSE A 1 44 ? 2.089   17.866  -16.922 0.52 28.40 ? 44  MSE A CG  1 
HETATM 358 SE SE  A MSE A 1 44 ? 1.587   18.759  -19.575 0.48 44.34 ? 44  MSE A SE  1 
HETATM 359 SE SE  B MSE A 1 44 ? 1.016   18.363  -15.371 0.52 53.67 ? 44  MSE A SE  1 
HETATM 360 C  CE  A MSE A 1 44 ? 2.585   19.734  -18.213 0.48 30.71 ? 44  MSE A CE  1 
HETATM 361 C  CE  B MSE A 1 44 ? 2.223   19.639  -14.586 0.52 33.49 ? 44  MSE A CE  1 
ATOM   362 N  N   . THR A 1 45 ? 0.275   13.573  -17.587 1.00 23.52 ? 45  THR A N   1 
ATOM   363 C  CA  . THR A 1 45 ? -0.558  12.532  -18.177 1.00 28.16 ? 45  THR A CA  1 
ATOM   364 C  C   . THR A 1 45 ? -1.495  11.881  -17.150 1.00 27.18 ? 45  THR A C   1 
ATOM   365 O  O   . THR A 1 45 ? -2.265  10.982  -17.505 1.00 27.98 ? 45  THR A O   1 
ATOM   366 C  CB  . THR A 1 45 ? 0.277   11.445  -18.895 1.00 31.68 ? 45  THR A CB  1 
ATOM   367 O  OG1 . THR A 1 45 ? 1.312   10.970  -18.025 1.00 28.31 ? 45  THR A OG1 1 
ATOM   368 C  CG2 . THR A 1 45 ? 0.903   11.999  -20.176 1.00 30.61 ? 45  THR A CG2 1 
ATOM   369 N  N   . GLY A 1 46 ? -1.430  12.330  -15.895 1.00 23.09 ? 46  GLY A N   1 
ATOM   370 C  CA  . GLY A 1 46 ? -2.358  11.860  -14.873 1.00 24.82 ? 46  GLY A CA  1 
ATOM   371 C  C   . GLY A 1 46 ? -1.690  11.118  -13.726 1.00 23.88 ? 46  GLY A C   1 
ATOM   372 O  O   . GLY A 1 46 ? -0.465  11.017  -13.667 1.00 25.55 ? 46  GLY A O   1 
ATOM   373 N  N   . LEU A 1 47 ? -2.502  10.592  -12.809 1.00 21.28 ? 47  LEU A N   1 
ATOM   374 C  CA  . LEU A 1 47 ? -1.989  9.865   -11.648 1.00 24.30 ? 47  LEU A CA  1 
ATOM   375 C  C   . LEU A 1 47 ? -1.250  8.612   -12.087 1.00 19.19 ? 47  LEU A C   1 
ATOM   376 O  O   . LEU A 1 47 ? -1.783  7.802   -12.859 1.00 21.91 ? 47  LEU A O   1 
ATOM   377 C  CB  . LEU A 1 47 ? -3.143  9.473   -10.717 1.00 17.94 ? 47  LEU A CB  1 
ATOM   378 C  CG  . LEU A 1 47 ? -2.740  8.623   -9.502  1.00 18.87 ? 47  LEU A CG  1 
ATOM   379 C  CD1 . LEU A 1 47 ? -1.928  9.444   -8.514  1.00 19.57 ? 47  LEU A CD1 1 
ATOM   380 C  CD2 . LEU A 1 47 ? -3.993  8.075   -8.842  1.00 19.64 ? 47  LEU A CD2 1 
ATOM   381 N  N   . GLU A 1 48 ? -0.024  8.446   -11.595 1.00 17.16 ? 48  GLU A N   1 
ATOM   382 C  CA  . GLU A 1 48 ? 0.802   7.304   -11.983 1.00 18.23 ? 48  GLU A CA  1 
ATOM   383 C  C   . GLU A 1 48 ? 0.793   6.235   -10.909 1.00 21.06 ? 48  GLU A C   1 
ATOM   384 O  O   . GLU A 1 48 ? 0.662   5.038   -11.200 1.00 22.08 ? 48  GLU A O   1 
ATOM   385 C  CB  . GLU A 1 48 ? 2.241   7.749   -12.247 1.00 21.21 ? 48  GLU A CB  1 
ATOM   386 C  CG  . GLU A 1 48 ? 3.197   6.592   -12.506 1.00 22.69 ? 48  GLU A CG  1 
ATOM   387 C  CD  . GLU A 1 48 ? 4.563   7.063   -12.926 1.00 29.67 ? 48  GLU A CD  1 
ATOM   388 O  OE1 . GLU A 1 48 ? 4.693   7.539   -14.071 1.00 36.68 ? 48  GLU A OE1 1 
ATOM   389 O  OE2 . GLU A 1 48 ? 5.509   6.963   -12.124 1.00 32.64 ? 48  GLU A OE2 1 
ATOM   390 N  N   . SER A 1 49 ? 0.949   6.673   -9.663  1.00 19.56 ? 49  SER A N   1 
ATOM   391 C  CA  . SER A 1 49 ? 1.006   5.738   -8.539  1.00 19.85 ? 49  SER A CA  1 
ATOM   392 C  C   . SER A 1 49 ? 0.908   6.504   -7.237  1.00 19.74 ? 49  SER A C   1 
ATOM   393 O  O   . SER A 1 49 ? 0.632   7.703   -7.245  1.00 18.60 ? 49  SER A O   1 
ATOM   394 C  CB  . SER A 1 49 ? 2.307   4.938   -8.579  1.00 19.86 ? 49  SER A CB  1 
ATOM   395 O  OG  . SER A 1 49 ? 2.208   3.806   -7.728  1.00 22.86 ? 49  SER A OG  1 
ATOM   396 N  N   . TYR A 1 50 ? 1.080   5.801   -6.118  1.00 18.16 ? 50  TYR A N   1 
ATOM   397 C  CA  . TYR A 1 50 ? 1.249   6.437   -4.823  1.00 23.11 ? 50  TYR A CA  1 
ATOM   398 C  C   . TYR A 1 50 ? 2.593   5.992   -4.294  1.00 22.65 ? 50  TYR A C   1 
ATOM   399 O  O   . TYR A 1 50 ? 2.909   4.793   -4.306  1.00 25.75 ? 50  TYR A O   1 
ATOM   400 C  CB  . TYR A 1 50 ? 0.134   6.024   -3.837  1.00 21.96 ? 50  TYR A CB  1 
ATOM   401 C  CG  . TYR A 1 50 ? -1.152  6.766   -4.087  1.00 21.72 ? 50  TYR A CG  1 
ATOM   402 C  CD1 . TYR A 1 50 ? -2.081  6.293   -5.006  1.00 19.71 ? 50  TYR A CD1 1 
ATOM   403 C  CD2 . TYR A 1 50 ? -1.421  7.970   -3.439  1.00 23.66 ? 50  TYR A CD2 1 
ATOM   404 C  CE1 . TYR A 1 50 ? -3.262  6.995   -5.269  1.00 21.30 ? 50  TYR A CE1 1 
ATOM   405 C  CE2 . TYR A 1 50 ? -2.597  8.678   -3.705  1.00 24.81 ? 50  TYR A CE2 1 
ATOM   406 C  CZ  . TYR A 1 50 ? -3.506  8.184   -4.615  1.00 22.36 ? 50  TYR A CZ  1 
ATOM   407 O  OH  . TYR A 1 50 ? -4.672  8.881   -4.865  1.00 24.43 ? 50  TYR A OH  1 
ATOM   408 N  N   . ASP A 1 51 ? 3.404   6.943   -3.849  1.00 22.64 ? 51  ASP A N   1 
ATOM   409 C  CA  . ASP A 1 51 ? 4.631   6.568   -3.163  1.00 22.45 ? 51  ASP A CA  1 
ATOM   410 C  C   . ASP A 1 51 ? 4.305   6.282   -1.714  1.00 20.59 ? 51  ASP A C   1 
ATOM   411 O  O   . ASP A 1 51 ? 3.361   6.843   -1.171  1.00 22.05 ? 51  ASP A O   1 
ATOM   412 C  CB  . ASP A 1 51 ? 5.700   7.640   -3.304  1.00 26.85 ? 51  ASP A CB  1 
ATOM   413 C  CG  . ASP A 1 51 ? 6.242   7.706   -4.713  1.00 30.94 ? 51  ASP A CG  1 
ATOM   414 O  OD1 . ASP A 1 51 ? 6.991   6.778   -5.103  1.00 33.42 ? 51  ASP A OD1 1 
ATOM   415 O  OD2 . ASP A 1 51 ? 5.900   8.663   -5.438  1.00 34.74 ? 51  ASP A OD2 1 
ATOM   416 N  N   . VAL A 1 52 ? 5.046   5.355   -1.122  1.00 19.91 ? 52  VAL A N   1 
ATOM   417 C  CA  . VAL A 1 52 ? 4.700   4.841   0.197   1.00 17.41 ? 52  VAL A CA  1 
ATOM   418 C  C   . VAL A 1 52 ? 5.816   5.102   1.189   1.00 20.98 ? 52  VAL A C   1 
ATOM   419 O  O   . VAL A 1 52 ? 6.995   4.947   0.857   1.00 22.68 ? 52  VAL A O   1 
ATOM   420 C  CB  . VAL A 1 52 ? 4.465   3.329   0.118   1.00 22.26 ? 52  VAL A CB  1 
ATOM   421 C  CG1 . VAL A 1 52 ? 3.992   2.784   1.461   1.00 21.60 ? 52  VAL A CG1 1 
ATOM   422 C  CG2 . VAL A 1 52 ? 3.451   3.029   -0.982  1.00 23.23 ? 52  VAL A CG2 1 
ATOM   423 N  N   . LYS A 1 53 ? 5.450   5.489   2.415   1.00 24.98 ? 53  LYS A N   1 
ATOM   424 C  CA  . LYS A 1 53 ? 6.417   5.559   3.502   1.00 21.10 ? 53  LYS A CA  1 
ATOM   425 C  C   . LYS A 1 53 ? 5.915   4.686   4.646   1.00 21.56 ? 53  LYS A C   1 
ATOM   426 O  O   . LYS A 1 53 ? 4.820   4.917   5.159   1.00 22.97 ? 53  LYS A O   1 
ATOM   427 C  CB  . LYS A 1 53 ? 6.594   7.003   3.969   1.00 29.89 ? 53  LYS A CB  1 
ATOM   428 C  CG  . LYS A 1 53 ? 7.979   7.600   3.682   1.00 38.26 ? 53  LYS A CG  1 
ATOM   429 C  CD  . LYS A 1 53 ? 8.556   7.191   2.315   1.00 34.19 ? 53  LYS A CD  1 
ATOM   430 C  CE  . LYS A 1 53 ? 7.962   7.994   1.156   0.14 30.64 ? 53  LYS A CE  1 
ATOM   431 N  NZ  . LYS A 1 53 ? 8.397   7.471   -0.183  1.00 37.52 ? 53  LYS A NZ  1 
ATOM   432 N  N   . ILE A 1 54 ? 6.700   3.691   5.037   1.00 21.68 ? 54  ILE A N   1 
ATOM   433 C  CA  . ILE A 1 54 ? 6.277   2.766   6.092   1.00 19.47 ? 54  ILE A CA  1 
ATOM   434 C  C   . ILE A 1 54 ? 6.807   3.233   7.440   1.00 22.77 ? 54  ILE A C   1 
ATOM   435 O  O   . ILE A 1 54 ? 7.995   3.539   7.572   1.00 25.02 ? 54  ILE A O   1 
ATOM   436 C  CB  . ILE A 1 54 ? 6.777   1.336   5.817   1.00 19.18 ? 54  ILE A CB  1 
ATOM   437 C  CG1 . ILE A 1 54 ? 6.145   0.789   4.535   1.00 22.93 ? 54  ILE A CG1 1 
ATOM   438 C  CG2 . ILE A 1 54 ? 6.464   0.405   6.996   1.00 23.78 ? 54  ILE A CG2 1 
ATOM   439 C  CD1 . ILE A 1 54 ? 6.837   -0.468  4.024   1.00 20.59 ? 54  ILE A CD1 1 
ATOM   440 N  N   . LYS A 1 55 ? 5.931   3.291   8.436   1.00 24.34 ? 55  LYS A N   1 
ATOM   441 C  CA  . LYS A 1 55 ? 6.351   3.663   9.784   1.00 21.12 ? 55  LYS A CA  1 
ATOM   442 C  C   . LYS A 1 55 ? 6.361   2.409   10.649  1.00 23.86 ? 55  LYS A C   1 
ATOM   443 O  O   . LYS A 1 55 ? 5.387   1.663   10.686  1.00 23.05 ? 55  LYS A O   1 
ATOM   444 C  CB  . LYS A 1 55 ? 5.421   4.731   10.367  1.00 25.66 ? 55  LYS A CB  1 
ATOM   445 C  CG  . LYS A 1 55 ? 5.173   5.923   9.418   0.47 30.47 ? 55  LYS A CG  1 
ATOM   446 C  CD  . LYS A 1 55 ? 5.819   7.226   9.912   0.91 44.42 ? 55  LYS A CD  1 
ATOM   447 C  CE  . LYS A 1 55 ? 5.712   8.344   8.863   0.64 50.43 ? 55  LYS A CE  1 
ATOM   448 N  NZ  . LYS A 1 55 ? 6.092   9.691   9.404   1.00 57.21 ? 55  LYS A NZ  1 
ATOM   449 N  N   . ILE A 1 56 ? 7.482   2.168   11.319  1.00 22.82 ? 56  ILE A N   1 
ATOM   450 C  CA  . ILE A 1 56 ? 7.634   0.991   12.163  1.00 25.64 ? 56  ILE A CA  1 
ATOM   451 C  C   . ILE A 1 56 ? 7.873   1.498   13.567  1.00 31.16 ? 56  ILE A C   1 
ATOM   452 O  O   . ILE A 1 56 ? 8.622   2.458   13.766  1.00 28.33 ? 56  ILE A O   1 
ATOM   453 C  CB  . ILE A 1 56 ? 8.832   0.137   11.707  1.00 29.93 ? 56  ILE A CB  1 
ATOM   454 C  CG1 . ILE A 1 56 ? 8.574   -0.445  10.309  1.00 27.65 ? 56  ILE A CG1 1 
ATOM   455 C  CG2 . ILE A 1 56 ? 9.133   -0.967  12.717  1.00 30.92 ? 56  ILE A CG2 1 
ATOM   456 C  CD1 . ILE A 1 56 ? 9.550   -1.532  9.903   1.00 35.53 ? 56  ILE A CD1 1 
HETATM 457 N  N   . MSE A 1 57 ? 7.238   0.871   14.548  1.00 34.83 ? 57  MSE A N   1 
HETATM 458 C  CA  . MSE A 1 57 ? 7.419   1.347   15.909  1.00 34.95 ? 57  MSE A CA  1 
HETATM 459 C  C   . MSE A 1 57 ? 8.301   0.398   16.696  1.00 35.95 ? 57  MSE A C   1 
HETATM 460 O  O   . MSE A 1 57 ? 8.283   -0.816  16.462  1.00 34.41 ? 57  MSE A O   1 
HETATM 461 C  CB  . MSE A 1 57 ? 6.066   1.480   16.602  1.00 39.16 ? 57  MSE A CB  1 
HETATM 462 C  CG  . MSE A 1 57 ? 5.087   2.333   15.845  1.00 39.31 ? 57  MSE A CG  1 
HETATM 463 SE SE  . MSE A 1 57 ? 5.315   4.221   16.150  0.52 50.88 ? 57  MSE A SE  1 
HETATM 464 C  CE  . MSE A 1 57 ? 4.650   4.246   17.971  1.00 36.01 ? 57  MSE A CE  1 
ATOM   465 N  N   . LEU A 1 58 ? 9.083   0.940   17.624  1.00 37.23 ? 58  LEU A N   1 
ATOM   466 C  CA  . LEU A 1 58 ? 9.638   0.081   18.659  1.00 46.52 ? 58  LEU A CA  1 
ATOM   467 C  C   . LEU A 1 58 ? 9.701   0.708   20.062  1.00 33.69 ? 58  LEU A C   1 
ATOM   468 O  O   . LEU A 1 58 ? 9.588   1.921   20.243  1.00 36.04 ? 58  LEU A O   1 
ATOM   469 C  CB  . LEU A 1 58 ? 10.967  -0.577  18.249  1.00 42.38 ? 58  LEU A CB  1 
ATOM   470 C  CG  . LEU A 1 58 ? 11.139  -1.896  19.043  1.00 55.93 ? 58  LEU A CG  1 
ATOM   471 C  CD1 . LEU A 1 58 ? 10.201  -3.009  18.552  1.00 54.63 ? 58  LEU A CD1 1 
ATOM   472 C  CD2 . LEU A 1 58 ? 12.584  -2.388  19.201  1.00 60.44 ? 58  LEU A CD2 1 
ATOM   473 N  N   . GLU A 1 59 ? 9.848   -0.175  21.036  1.00 47.79 ? 59  GLU A N   1 
ATOM   474 C  CA  . GLU A 1 59 ? 9.916   0.133   22.445  1.00 45.69 ? 59  GLU A CA  1 
ATOM   475 C  C   . GLU A 1 59 ? 10.977  1.168   22.807  1.00 44.84 ? 59  GLU A C   1 
ATOM   476 O  O   . GLU A 1 59 ? 12.144  1.050   22.421  1.00 43.17 ? 59  GLU A O   1 
ATOM   477 C  CB  . GLU A 1 59 ? 10.218  -1.172  23.162  1.00 50.53 ? 59  GLU A CB  1 
ATOM   478 C  CG  . GLU A 1 59 ? 10.174  -1.120  24.656  1.00 53.93 ? 59  GLU A CG  1 
ATOM   479 C  CD  . GLU A 1 59 ? 10.343  -2.505  25.235  1.00 67.32 ? 59  GLU A CD  1 
ATOM   480 O  OE1 . GLU A 1 59 ? 10.797  -2.615  26.391  1.00 77.53 ? 59  GLU A OE1 1 
ATOM   481 O  OE2 . GLU A 1 59 ? 10.027  -3.486  24.521  1.00 74.02 ? 59  GLU A OE2 1 
ATOM   482 N  N   . HIS A 1 60 ? 10.554  2.174   23.566  1.00 46.85 ? 60  HIS A N   1 
ATOM   483 C  CA  . HIS A 1 60 ? 11.446  3.200   24.098  1.00 44.20 ? 60  HIS A CA  1 
ATOM   484 C  C   . HIS A 1 60 ? 12.511  2.613   25.024  1.00 45.04 ? 60  HIS A C   1 
ATOM   485 O  O   . HIS A 1 60 ? 12.198  1.820   25.916  1.00 47.21 ? 60  HIS A O   1 
ATOM   486 C  CB  . HIS A 1 60 ? 10.622  4.245   24.850  1.00 46.56 ? 60  HIS A CB  1 
ATOM   487 C  CG  . HIS A 1 60 ? 11.426  5.094   25.781  1.00 47.89 ? 60  HIS A CG  1 
ATOM   488 N  ND1 . HIS A 1 60 ? 11.545  4.811   27.128  1.00 48.61 ? 60  HIS A ND1 1 
ATOM   489 C  CD2 . HIS A 1 60 ? 12.154  6.211   25.563  1.00 40.44 ? 60  HIS A CD2 1 
ATOM   490 C  CE1 . HIS A 1 60 ? 12.310  5.725   27.696  1.00 51.13 ? 60  HIS A CE1 1 
ATOM   491 N  NE2 . HIS A 1 60 ? 12.698  6.582   26.772  1.00 45.13 ? 60  HIS A NE2 1 
HETATM 492 O  O   . HOH B 2 .  ? -8.020  -10.416 -8.881  1.00 40.31 ? 101 HOH A O   1 
HETATM 493 O  O   . HOH B 2 .  ? 4.994   10.724  -4.641  1.00 34.01 ? 102 HOH A O   1 
HETATM 494 O  O   . HOH B 2 .  ? 3.506   8.503   -15.949 1.00 31.41 ? 103 HOH A O   1 
HETATM 495 O  O   . HOH B 2 .  ? -4.522  11.405  -4.324  1.00 30.47 ? 104 HOH A O   1 
HETATM 496 O  O   . HOH B 2 .  ? -2.116  6.672   5.740   1.00 31.70 ? 105 HOH A O   1 
HETATM 497 O  O   . HOH B 2 .  ? 3.876   -11.440 10.318  1.00 36.38 ? 106 HOH A O   1 
HETATM 498 O  O   . HOH B 2 .  ? -6.869  -5.824  -11.343 1.00 35.94 ? 107 HOH A O   1 
HETATM 499 O  O   . HOH B 2 .  ? 4.143   8.884   1.290   1.00 27.81 ? 108 HOH A O   1 
HETATM 500 O  O   . HOH B 2 .  ? 3.323   13.882  -7.825  1.00 34.89 ? 109 HOH A O   1 
HETATM 501 O  O   . HOH B 2 .  ? 0.715   3.766   -13.570 1.00 22.38 ? 110 HOH A O   1 
HETATM 502 O  O   . HOH B 2 .  ? -8.694  -7.568  0.738   1.00 33.32 ? 111 HOH A O   1 
HETATM 503 O  O   . HOH B 2 .  ? 2.529   8.901   -19.255 1.00 40.59 ? 112 HOH A O   1 
HETATM 504 O  O   . HOH B 2 .  ? -13.094 -11.356 -12.666 1.00 33.06 ? 113 HOH A O   1 
HETATM 505 O  O   . HOH B 2 .  ? -9.377  -5.067  -12.227 1.00 29.09 ? 114 HOH A O   1 
HETATM 506 O  O   . HOH B 2 .  ? 0.437   -1.725  14.167  1.00 22.46 ? 115 HOH A O   1 
HETATM 507 O  O   . HOH B 2 .  ? -2.795  -9.127  -4.753  1.00 27.70 ? 116 HOH A O   1 
HETATM 508 O  O   . HOH B 2 .  ? 1.338   -4.301  11.898  1.00 25.77 ? 117 HOH A O   1 
HETATM 509 O  O   . HOH B 2 .  ? 1.098   -8.212  17.112  1.00 35.92 ? 118 HOH A O   1 
HETATM 510 O  O   . HOH B 2 .  ? -2.876  10.410  -0.247  1.00 37.22 ? 119 HOH A O   1 
HETATM 511 O  O   . HOH B 2 .  ? -1.602  8.325   3.511   1.00 30.55 ? 120 HOH A O   1 
HETATM 512 O  O   . HOH B 2 .  ? 0.456   9.380   -15.786 1.00 26.16 ? 121 HOH A O   1 
HETATM 513 O  O   . HOH B 2 .  ? 12.700  -12.913 10.843  1.00 25.57 ? 122 HOH A O   1 
HETATM 514 O  O   . HOH B 2 .  ? 2.072   -9.475  11.338  1.00 38.24 ? 123 HOH A O   1 
HETATM 515 O  O   . HOH B 2 .  ? 8.484   12.940  -14.333 1.00 33.50 ? 124 HOH A O   1 
HETATM 516 O  O   . HOH B 2 .  ? 4.361   12.280  4.909   1.00 46.71 ? 125 HOH A O   1 
HETATM 517 O  O   . HOH B 2 .  ? 7.787   -6.511  3.490   1.00 30.78 ? 126 HOH A O   1 
HETATM 518 O  O   . HOH B 2 .  ? 2.072   14.686  -4.290  1.00 35.40 ? 127 HOH A O   1 
HETATM 519 O  O   . HOH B 2 .  ? 7.398   4.655   -2.733  1.00 30.61 ? 128 HOH A O   1 
HETATM 520 O  O   . HOH B 2 .  ? -18.599 -0.305  -17.238 1.00 37.68 ? 129 HOH A O   1 
HETATM 521 O  O   . HOH B 2 .  ? 9.433   1.557   27.030  1.00 39.12 ? 130 HOH A O   1 
HETATM 522 O  O   . HOH B 2 .  ? 10.170  -7.228  4.608   1.00 31.76 ? 131 HOH A O   1 
HETATM 523 O  O   . HOH B 2 .  ? -2.769  3.289   11.494  1.00 40.87 ? 132 HOH A O   1 
HETATM 524 O  O   . HOH B 2 .  ? 1.172   -6.201  13.790  1.00 35.61 ? 133 HOH A O   1 
HETATM 525 O  O   . HOH B 2 .  ? 12.051  -14.214 8.489   1.00 39.39 ? 134 HOH A O   1 
HETATM 526 O  O   . HOH B 2 .  ? -4.988  -10.657 -4.390  1.00 37.08 ? 135 HOH A O   1 
HETATM 527 O  O   . HOH B 2 .  ? -21.752 -6.020  -11.678 1.00 58.57 ? 136 HOH A O   1 
HETATM 528 O  O   . HOH B 2 .  ? -1.909  7.696   -17.541 1.00 39.58 ? 137 HOH A O   1 
HETATM 529 O  O   . HOH B 2 .  ? -3.113  15.217  -13.988 1.00 41.45 ? 138 HOH A O   1 
HETATM 530 O  O   . HOH B 2 .  ? -1.303  -10.241 -2.786  1.00 39.33 ? 139 HOH A O   1 
HETATM 531 O  O   . HOH B 2 .  ? 5.821   15.657  -11.921 1.00 41.07 ? 140 HOH A O   1 
HETATM 532 O  O   . HOH B 2 .  ? 0.115   7.740   -19.491 1.00 46.22 ? 141 HOH A O   1 
HETATM 533 O  O   . HOH B 2 .  ? -2.374  -10.439 6.782   1.00 31.55 ? 142 HOH A O   1 
HETATM 534 O  O   . HOH B 2 .  ? 5.733   10.731  3.431   1.00 42.37 ? 143 HOH A O   1 
HETATM 535 O  O   . HOH B 2 .  ? -0.330  -9.137  9.568   1.00 31.03 ? 144 HOH A O   1 
# 
